data_4KMO
#
_entry.id   4KMO
#
_cell.length_a   100.274
_cell.length_b   100.274
_cell.length_c   176.225
_cell.angle_alpha   90.00
_cell.angle_beta   90.00
_cell.angle_gamma   120.00
#
_symmetry.space_group_name_H-M   'P 32 2 1'
#
loop_
_entity.id
_entity.type
_entity.pdbx_description
1 polymer 'Small conjugating protein ligase-like protein'
2 polymer 'Putative vacuolar protein sorting-associated protein'
3 non-polymer 'SULFATE ION'
4 water water
#
loop_
_entity_poly.entity_id
_entity_poly.type
_entity_poly.pdbx_seq_one_letter_code
_entity_poly.pdbx_strand_id
1 'polypeptide(L)'
;GS(MSE)APRAGFDAEQVRDKARKDLLHLLEGVRGKKNLVIEKDLAGPLGVIVKASTLRDYGVDNFFFLENKNTGTSQRN
IVFIARGESVRNAHAIAAQIKRIQRESQTSHDFHIFWVPRRTLFSDKVLEEAGVLGDANISELPLYFFPLERDVLSLELN
DSFRDLYLAKDPTPVFLLSRAL(MSE)GIQKKHGLFPRIIGKGENAKRVADLLSR(MSE)RQELLAGEEAGESDRAGLSP
STTIESVIIIDREVDFVTPLLTQLTYEGLIDEYFGIQNNQTDVDAVIVGAPAQSAASTSTAVPTNSSQSRKRKIQLDGSD
SLYSQLRDANFAIVGSLLNTVARRLKSDYESRHNTKTTAELKEFVKKLPGYQAEQQSLKIHSNIAEEIINYTRTEIFNKL
LEVQQNLAAGADPSSQFDSIEELVARDTPLPQVLRLLCLYSCISGGIKTKELDHFRRLVLQGYGHQHLLTLHNLERLQ
(MSE)FLSKSSPLAS(MSE)IT(MSE)SGSSGGPDQKTNYTYLRKQLRLIVDEVNEQDPNDIAYVYSGYAPLSIRLVQCV
LQKQYLLSITKGSGTVIAAGPVAGGGAQGWKGFEEIVKHARGPTFDEIQKGEDKAVKARALLSGSSGDKKTVFVVFVGGI
TFTEIAALRFIAKQEEARRNIVICTTSIINGNR(MSE)(MSE)NAAIETATFEKTTVTTAAAQ
;
A
2 'polypeptide(L)'
;(MSE)GSSFEVIARTAYEEGRTRLATELLNHEPRAGRQVPLLLS(MSE)EEDELALDKAIESGDTDLIYFVIHQLRRKLP
LASFFRVVSSRPTASA(MSE)VEALARNSDGDGNEDTALLKDLYYQDDRRLDGASVFIREALQQPETRTASDKLDLAANL
LQGNQKEHVFELGALKEAK(MSE)LLR(MSE)QETFERDLTDSFVGLSVNQT(MSE)FKLIKLGYHGRAKKIQSEFKVPE
RVAWWIRLQALVAKRDWNEIEEISRQRKSPIGWEPFFNQVLQAGNPRLAATFIPKCTNLEPGQTIT(MSE)YEKCG
(MSE)RVKAAEEAVRLKDTEAWNRLLEAAGRNTAEGREIERLGATVFKK
;
B
#
loop_
_chem_comp.id
_chem_comp.type
_chem_comp.name
_chem_comp.formula
SO4 non-polymer 'SULFATE ION' 'O4 S -2'
#
# COMPACT_ATOMS: atom_id res chain seq x y z
N ALA A 7 -22.61 21.82 -17.85
CA ALA A 7 -21.98 21.22 -19.02
C ALA A 7 -20.62 20.61 -18.68
N GLY A 8 -20.14 20.91 -17.48
CA GLY A 8 -18.85 20.43 -17.03
C GLY A 8 -18.85 18.97 -16.63
N PHE A 9 -17.78 18.55 -15.95
CA PHE A 9 -17.65 17.17 -15.52
C PHE A 9 -18.57 16.85 -14.35
N ASP A 10 -19.06 15.61 -14.31
CA ASP A 10 -19.89 15.14 -13.22
C ASP A 10 -19.58 13.68 -12.96
N ALA A 11 -19.37 13.33 -11.69
CA ALA A 11 -19.01 11.96 -11.33
C ALA A 11 -20.14 10.98 -11.61
N GLU A 12 -21.36 11.50 -11.75
CA GLU A 12 -22.53 10.66 -11.96
C GLU A 12 -22.61 10.15 -13.39
N GLN A 13 -22.05 10.91 -14.33
CA GLN A 13 -22.05 10.50 -15.74
C GLN A 13 -21.04 9.38 -15.96
N VAL A 14 -20.05 9.28 -15.07
CA VAL A 14 -19.08 8.20 -15.13
C VAL A 14 -19.75 6.89 -14.74
N ARG A 15 -20.59 6.95 -13.71
CA ARG A 15 -21.34 5.79 -13.26
C ARG A 15 -22.37 5.39 -14.32
N ASP A 16 -23.00 6.39 -14.91
CA ASP A 16 -24.00 6.15 -15.95
C ASP A 16 -23.41 5.48 -17.16
N LYS A 17 -22.24 5.94 -17.58
CA LYS A 17 -21.56 5.35 -18.73
C LYS A 17 -21.12 3.93 -18.41
N ALA A 18 -20.59 3.73 -17.21
CA ALA A 18 -20.15 2.42 -16.76
C ALA A 18 -21.32 1.45 -16.69
N ARG A 19 -22.49 1.97 -16.30
CA ARG A 19 -23.67 1.14 -16.16
C ARG A 19 -24.25 0.72 -17.51
N LYS A 20 -24.25 1.64 -18.47
CA LYS A 20 -24.79 1.35 -19.80
C LYS A 20 -23.81 0.57 -20.67
N ASP A 21 -22.52 0.69 -20.38
CA ASP A 21 -21.51 -0.08 -21.10
C ASP A 21 -21.62 -1.56 -20.75
N LEU A 22 -21.96 -1.85 -19.50
CA LEU A 22 -22.09 -3.23 -19.04
C LEU A 22 -23.38 -3.86 -19.52
N LEU A 23 -24.49 -3.14 -19.37
CA LEU A 23 -25.80 -3.64 -19.77
C LEU A 23 -25.92 -3.85 -21.27
N HIS A 24 -25.17 -3.06 -22.04
CA HIS A 24 -25.13 -3.22 -23.49
C HIS A 24 -24.45 -4.54 -23.86
N LEU A 25 -23.47 -4.92 -23.05
CA LEU A 25 -22.75 -6.17 -23.28
C LEU A 25 -23.54 -7.36 -22.73
N LEU A 26 -24.28 -7.14 -21.65
CA LEU A 26 -25.12 -8.18 -21.07
C LEU A 26 -26.30 -8.52 -21.97
N GLU A 27 -26.60 -7.62 -22.91
CA GLU A 27 -27.66 -7.86 -23.87
C GLU A 27 -27.08 -8.33 -25.20
N GLY A 28 -25.78 -8.12 -25.38
CA GLY A 28 -25.08 -8.64 -26.54
C GLY A 28 -25.15 -10.14 -26.56
N VAL A 29 -25.00 -10.74 -25.37
CA VAL A 29 -25.22 -12.16 -25.19
C VAL A 29 -26.72 -12.43 -25.14
N ARG A 30 -27.23 -13.15 -26.14
CA ARG A 30 -28.66 -13.35 -26.30
C ARG A 30 -29.20 -14.51 -25.46
N GLY A 31 -30.24 -14.22 -24.68
CA GLY A 31 -30.84 -15.21 -23.81
C GLY A 31 -30.54 -14.97 -22.35
N LYS A 32 -30.46 -16.06 -21.58
CA LYS A 32 -30.13 -15.98 -20.16
C LYS A 32 -28.64 -16.26 -19.98
N LYS A 33 -28.09 -15.92 -18.82
CA LYS A 33 -26.66 -16.11 -18.58
C LYS A 33 -26.28 -16.25 -17.11
N ASN A 34 -25.26 -17.06 -16.85
CA ASN A 34 -24.62 -17.12 -15.54
C ASN A 34 -23.40 -16.22 -15.53
N LEU A 35 -23.12 -15.61 -14.38
CA LEU A 35 -22.06 -14.61 -14.31
C LEU A 35 -20.90 -15.01 -13.40
N VAL A 36 -19.69 -15.05 -13.96
CA VAL A 36 -18.49 -15.34 -13.21
C VAL A 36 -17.54 -14.15 -13.26
N ILE A 37 -17.25 -13.57 -12.10
CA ILE A 37 -16.47 -12.35 -12.03
C ILE A 37 -15.22 -12.50 -11.17
N GLU A 38 -14.15 -11.80 -11.58
CA GLU A 38 -12.95 -11.66 -10.76
C GLU A 38 -13.33 -11.08 -9.40
N LYS A 39 -12.84 -11.71 -8.34
CA LYS A 39 -13.28 -11.38 -6.97
C LYS A 39 -13.03 -9.92 -6.58
N ASP A 40 -11.84 -9.41 -6.85
CA ASP A 40 -11.50 -8.04 -6.48
C ASP A 40 -12.12 -7.02 -7.44
N LEU A 41 -12.84 -7.52 -8.44
CA LEU A 41 -13.56 -6.66 -9.37
C LEU A 41 -15.02 -6.56 -8.95
N ALA A 42 -15.48 -7.56 -8.21
CA ALA A 42 -16.87 -7.61 -7.76
C ALA A 42 -17.22 -6.43 -6.86
N GLY A 43 -16.27 -6.03 -6.03
CA GLY A 43 -16.44 -4.88 -5.16
C GLY A 43 -16.73 -3.59 -5.90
N PRO A 44 -15.79 -3.15 -6.76
CA PRO A 44 -15.98 -1.95 -7.58
C PRO A 44 -17.22 -2.01 -8.47
N LEU A 45 -17.59 -3.19 -8.93
CA LEU A 45 -18.78 -3.36 -9.76
C LEU A 45 -20.06 -3.03 -8.99
N GLY A 46 -20.04 -3.27 -7.69
CA GLY A 46 -21.19 -2.99 -6.85
C GLY A 46 -21.46 -1.50 -6.71
N VAL A 47 -20.44 -0.69 -7.00
CA VAL A 47 -20.55 0.76 -6.93
C VAL A 47 -21.38 1.31 -8.09
N ILE A 48 -21.24 0.68 -9.26
CA ILE A 48 -21.90 1.18 -10.46
C ILE A 48 -23.21 0.48 -10.80
N VAL A 49 -23.43 -0.70 -10.24
CA VAL A 49 -24.65 -1.45 -10.53
C VAL A 49 -25.05 -2.40 -9.39
N LYS A 50 -26.34 -2.44 -9.08
CA LYS A 50 -26.86 -3.35 -8.06
C LYS A 50 -27.08 -4.74 -8.64
N ALA A 51 -27.12 -5.74 -7.76
CA ALA A 51 -27.36 -7.12 -8.19
C ALA A 51 -28.78 -7.29 -8.72
N SER A 52 -29.68 -6.41 -8.28
CA SER A 52 -31.06 -6.45 -8.71
C SER A 52 -31.19 -6.10 -10.19
N THR A 53 -30.44 -5.10 -10.63
CA THR A 53 -30.46 -4.66 -12.01
C THR A 53 -29.94 -5.74 -12.95
N LEU A 54 -28.86 -6.41 -12.53
CA LEU A 54 -28.26 -7.48 -13.31
C LEU A 54 -29.24 -8.64 -13.48
N ARG A 55 -30.06 -8.87 -12.47
CA ARG A 55 -31.06 -9.92 -12.51
C ARG A 55 -32.11 -9.62 -13.57
N ASP A 56 -32.39 -8.34 -13.75
CA ASP A 56 -33.40 -7.90 -14.72
C ASP A 56 -32.88 -7.96 -16.16
N TYR A 57 -31.63 -8.37 -16.32
CA TYR A 57 -31.03 -8.46 -17.64
C TYR A 57 -30.62 -9.89 -17.99
N GLY A 58 -31.09 -10.85 -17.21
CA GLY A 58 -30.92 -12.26 -17.54
C GLY A 58 -29.88 -13.02 -16.73
N VAL A 59 -29.44 -12.45 -15.61
CA VAL A 59 -28.44 -13.10 -14.77
C VAL A 59 -29.07 -14.06 -13.77
N ASP A 60 -28.69 -15.33 -13.85
CA ASP A 60 -29.20 -16.34 -12.93
C ASP A 60 -28.47 -16.28 -11.60
N ASN A 61 -27.28 -16.88 -11.56
CA ASN A 61 -26.48 -16.90 -10.35
C ASN A 61 -25.15 -16.18 -10.51
N PHE A 62 -24.56 -15.76 -9.40
CA PHE A 62 -23.27 -15.09 -9.42
C PHE A 62 -22.18 -16.03 -8.92
N PHE A 63 -20.99 -15.93 -9.50
CA PHE A 63 -19.86 -16.77 -9.10
C PHE A 63 -18.54 -16.01 -9.12
N PHE A 64 -17.53 -16.60 -8.51
CA PHE A 64 -16.20 -15.99 -8.46
C PHE A 64 -15.21 -16.78 -9.31
N LEU A 65 -14.33 -16.07 -10.01
CA LEU A 65 -13.36 -16.68 -10.91
C LEU A 65 -12.41 -17.60 -10.15
N GLU A 66 -11.97 -17.16 -8.98
CA GLU A 66 -10.98 -17.89 -8.20
C GLU A 66 -11.56 -19.15 -7.56
N ASN A 67 -12.88 -19.21 -7.46
CA ASN A 67 -13.55 -20.34 -6.82
C ASN A 67 -13.64 -21.58 -7.72
N LYS A 68 -13.48 -21.38 -9.02
CA LYS A 68 -13.40 -22.46 -10.00
C LYS A 68 -14.64 -23.37 -10.05
N ASN A 69 -15.79 -22.84 -9.62
CA ASN A 69 -17.03 -23.62 -9.67
C ASN A 69 -18.17 -22.91 -10.40
N THR A 70 -17.99 -22.72 -11.70
CA THR A 70 -19.00 -22.07 -12.53
C THR A 70 -20.27 -22.92 -12.62
N GLY A 71 -21.42 -22.28 -12.43
CA GLY A 71 -22.69 -22.96 -12.52
C GLY A 71 -22.96 -23.57 -13.88
N THR A 72 -23.23 -24.86 -13.89
CA THR A 72 -23.50 -25.60 -15.12
C THR A 72 -24.88 -25.23 -15.68
N SER A 73 -25.70 -24.66 -14.80
CA SER A 73 -27.10 -24.31 -15.09
C SER A 73 -27.35 -23.73 -16.49
N GLN A 74 -27.14 -22.44 -16.65
CA GLN A 74 -27.42 -21.76 -17.91
C GLN A 74 -26.31 -21.97 -18.93
N ARG A 75 -26.70 -22.06 -20.20
CA ARG A 75 -25.75 -22.22 -21.30
C ARG A 75 -24.73 -21.09 -21.36
N ASN A 76 -25.21 -19.85 -21.47
CA ASN A 76 -24.32 -18.70 -21.56
C ASN A 76 -23.48 -18.50 -20.29
N ILE A 77 -22.18 -18.69 -20.42
CA ILE A 77 -21.27 -18.47 -19.31
C ILE A 77 -20.42 -17.23 -19.58
N VAL A 78 -20.75 -16.14 -18.88
CA VAL A 78 -20.07 -14.87 -19.09
C VAL A 78 -19.01 -14.59 -18.03
N PHE A 79 -17.78 -14.35 -18.49
CA PHE A 79 -16.68 -14.03 -17.58
C PHE A 79 -16.36 -12.54 -17.63
N ILE A 80 -16.18 -11.94 -16.47
CA ILE A 80 -15.79 -10.53 -16.37
C ILE A 80 -14.56 -10.37 -15.49
N ALA A 81 -13.46 -9.94 -16.09
CA ALA A 81 -12.20 -9.79 -15.36
C ALA A 81 -11.33 -8.68 -15.95
N ARG A 82 -10.24 -8.37 -15.26
CA ARG A 82 -9.30 -7.36 -15.73
C ARG A 82 -8.35 -7.94 -16.77
N GLY A 83 -8.06 -7.16 -17.80
CA GLY A 83 -7.29 -7.63 -18.93
C GLY A 83 -5.80 -7.83 -18.67
N GLU A 84 -5.17 -6.86 -18.02
CA GLU A 84 -3.73 -6.89 -17.81
C GLU A 84 -3.28 -7.94 -16.80
N SER A 85 -4.24 -8.57 -16.13
CA SER A 85 -3.92 -9.57 -15.11
C SER A 85 -3.39 -10.86 -15.72
N VAL A 86 -2.32 -11.39 -15.14
CA VAL A 86 -1.73 -12.66 -15.58
C VAL A 86 -2.48 -13.84 -14.94
N ARG A 87 -2.89 -13.66 -13.69
CA ARG A 87 -3.57 -14.70 -12.93
C ARG A 87 -4.93 -15.03 -13.53
N ASN A 88 -5.63 -14.02 -14.03
CA ASN A 88 -6.98 -14.19 -14.56
C ASN A 88 -7.04 -14.93 -15.88
N ALA A 89 -6.06 -14.69 -16.74
CA ALA A 89 -6.02 -15.31 -18.06
C ALA A 89 -5.93 -16.84 -17.98
N HIS A 90 -5.19 -17.31 -16.99
CA HIS A 90 -5.05 -18.76 -16.78
C HIS A 90 -6.28 -19.32 -16.09
N ALA A 91 -6.86 -18.54 -15.17
CA ALA A 91 -8.02 -18.96 -14.40
C ALA A 91 -9.24 -19.21 -15.28
N ILE A 92 -9.51 -18.25 -16.17
CA ILE A 92 -10.65 -18.37 -17.09
C ILE A 92 -10.48 -19.56 -18.03
N ALA A 93 -9.28 -19.73 -18.56
CA ALA A 93 -8.96 -20.86 -19.42
C ALA A 93 -9.14 -22.16 -18.64
N ALA A 94 -8.66 -22.17 -17.40
CA ALA A 94 -8.79 -23.35 -16.55
C ALA A 94 -10.23 -23.50 -16.06
N GLN A 95 -11.03 -22.46 -16.20
CA GLN A 95 -12.46 -22.52 -15.88
C GLN A 95 -13.23 -23.13 -17.04
N ILE A 96 -12.79 -22.82 -18.26
CA ILE A 96 -13.40 -23.38 -19.46
C ILE A 96 -13.12 -24.88 -19.57
N LYS A 97 -11.85 -25.26 -19.40
CA LYS A 97 -11.45 -26.66 -19.41
C LYS A 97 -12.21 -27.44 -18.34
N ARG A 98 -12.41 -26.79 -17.19
CA ARG A 98 -13.08 -27.38 -16.04
C ARG A 98 -14.60 -27.21 -16.15
N ILE A 99 -15.12 -27.20 -17.38
CA ILE A 99 -16.56 -27.14 -17.64
C ILE A 99 -16.92 -27.55 -19.07
N GLN A 100 -15.95 -27.49 -19.96
CA GLN A 100 -16.17 -27.90 -21.35
C GLN A 100 -16.14 -29.43 -21.45
N ARG A 101 -15.48 -30.06 -20.48
CA ARG A 101 -15.43 -31.52 -20.41
C ARG A 101 -16.07 -32.03 -19.13
N GLU A 102 -16.83 -31.15 -18.47
CA GLU A 102 -17.36 -31.44 -17.15
C GLU A 102 -18.80 -30.96 -16.98
N SER A 103 -19.51 -30.87 -18.10
CA SER A 103 -20.91 -30.49 -18.08
C SER A 103 -21.75 -31.56 -18.77
N GLN A 104 -22.71 -31.11 -19.57
CA GLN A 104 -23.54 -32.02 -20.35
C GLN A 104 -24.15 -31.32 -21.56
N THR A 105 -24.42 -30.02 -21.41
CA THR A 105 -24.96 -29.22 -22.51
C THR A 105 -23.84 -28.39 -23.12
N SER A 106 -24.12 -27.77 -24.27
CA SER A 106 -23.12 -27.07 -25.06
C SER A 106 -22.37 -25.96 -24.32
N HIS A 107 -23.13 -25.05 -23.71
CA HIS A 107 -22.59 -23.88 -23.01
C HIS A 107 -21.87 -22.89 -23.92
N ASP A 108 -22.31 -21.63 -23.90
CA ASP A 108 -21.64 -20.56 -24.63
C ASP A 108 -20.75 -19.76 -23.70
N PHE A 109 -19.60 -19.32 -24.21
CA PHE A 109 -18.63 -18.61 -23.39
C PHE A 109 -18.40 -17.19 -23.88
N HIS A 110 -18.71 -16.22 -23.02
CA HIS A 110 -18.49 -14.82 -23.33
C HIS A 110 -17.53 -14.22 -22.31
N ILE A 111 -16.60 -13.39 -22.78
CA ILE A 111 -15.63 -12.78 -21.89
C ILE A 111 -15.60 -11.26 -22.01
N PHE A 112 -15.84 -10.58 -20.89
CA PHE A 112 -15.80 -9.13 -20.85
C PHE A 112 -14.51 -8.65 -20.16
N TRP A 113 -13.50 -8.33 -20.96
CA TRP A 113 -12.24 -7.83 -20.43
C TRP A 113 -12.35 -6.39 -19.95
N VAL A 114 -11.60 -6.06 -18.91
CA VAL A 114 -11.61 -4.71 -18.37
C VAL A 114 -10.20 -4.12 -18.32
N PRO A 115 -9.97 -3.04 -19.07
CA PRO A 115 -10.95 -2.43 -19.96
C PRO A 115 -10.76 -2.83 -21.41
N ARG A 116 -9.70 -3.58 -21.70
CA ARG A 116 -9.33 -3.90 -23.08
C ARG A 116 -8.97 -5.37 -23.26
N ARG A 117 -9.02 -5.83 -24.50
CA ARG A 117 -8.51 -7.15 -24.84
C ARG A 117 -7.00 -7.03 -25.06
N THR A 118 -6.23 -7.85 -24.37
CA THR A 118 -4.77 -7.77 -24.46
C THR A 118 -4.19 -8.86 -25.36
N LEU A 119 -3.04 -8.56 -25.97
CA LEU A 119 -2.33 -9.53 -26.80
C LEU A 119 -1.83 -10.68 -25.95
N PHE A 120 -1.64 -10.41 -24.66
CA PHE A 120 -1.24 -11.43 -23.69
C PHE A 120 -2.36 -12.43 -23.47
N SER A 121 -3.58 -11.93 -23.26
CA SER A 121 -4.74 -12.78 -23.04
C SER A 121 -5.08 -13.58 -24.29
N ASP A 122 -4.74 -13.05 -25.45
CA ASP A 122 -4.93 -13.77 -26.70
C ASP A 122 -4.07 -15.03 -26.72
N LYS A 123 -2.82 -14.90 -26.27
CA LYS A 123 -1.89 -16.02 -26.26
C LYS A 123 -2.27 -17.09 -25.24
N VAL A 124 -2.65 -16.66 -24.03
CA VAL A 124 -2.98 -17.58 -22.95
C VAL A 124 -4.14 -18.49 -23.32
N LEU A 125 -5.16 -17.92 -23.94
CA LEU A 125 -6.31 -18.70 -24.41
C LEU A 125 -5.95 -19.48 -25.67
N GLU A 126 -4.99 -18.96 -26.43
CA GLU A 126 -4.48 -19.64 -27.62
C GLU A 126 -3.69 -20.88 -27.23
N GLU A 127 -2.89 -20.76 -26.17
CA GLU A 127 -2.08 -21.87 -25.68
C GLU A 127 -2.86 -22.73 -24.71
N ALA A 128 -4.19 -22.60 -24.77
CA ALA A 128 -5.08 -23.43 -23.98
C ALA A 128 -6.13 -24.06 -24.89
N GLY A 129 -6.24 -23.53 -26.11
CA GLY A 129 -7.13 -24.06 -27.12
C GLY A 129 -8.57 -23.59 -26.99
N VAL A 130 -8.88 -22.97 -25.85
CA VAL A 130 -10.25 -22.54 -25.56
C VAL A 130 -10.56 -21.16 -26.13
N LEU A 131 -9.61 -20.61 -26.89
CA LEU A 131 -9.75 -19.27 -27.45
C LEU A 131 -10.85 -19.19 -28.50
N GLY A 132 -10.90 -20.19 -29.38
CA GLY A 132 -11.87 -20.20 -30.47
C GLY A 132 -13.32 -20.26 -30.01
N ASP A 133 -13.52 -20.72 -28.78
CA ASP A 133 -14.87 -20.85 -28.23
C ASP A 133 -15.17 -19.74 -27.23
N ALA A 134 -14.97 -18.50 -27.63
CA ALA A 134 -15.18 -17.37 -26.74
C ALA A 134 -15.45 -16.06 -27.48
N ASN A 135 -16.58 -15.42 -27.15
CA ASN A 135 -16.90 -14.10 -27.66
C ASN A 135 -16.24 -13.01 -26.82
N ILE A 136 -15.11 -12.51 -27.29
CA ILE A 136 -14.34 -11.51 -26.54
C ILE A 136 -14.89 -10.09 -26.74
N SER A 137 -15.28 -9.47 -25.64
CA SER A 137 -15.78 -8.10 -25.67
C SER A 137 -14.98 -7.22 -24.73
N GLU A 138 -14.98 -5.91 -25.00
CA GLU A 138 -14.23 -4.97 -24.18
C GLU A 138 -15.15 -4.08 -23.35
N LEU A 139 -14.86 -4.00 -22.05
CA LEU A 139 -15.66 -3.20 -21.12
C LEU A 139 -14.84 -2.04 -20.59
N PRO A 140 -14.94 -0.87 -21.24
CA PRO A 140 -14.12 0.30 -20.92
C PRO A 140 -14.40 0.87 -19.53
N LEU A 141 -14.05 0.11 -18.49
CA LEU A 141 -14.17 0.60 -17.12
C LEU A 141 -12.82 1.11 -16.63
N TYR A 142 -12.82 2.30 -16.05
CA TYR A 142 -11.62 2.88 -15.49
C TYR A 142 -11.88 3.45 -14.10
N PHE A 143 -12.38 4.68 -14.06
CA PHE A 143 -12.67 5.33 -12.79
C PHE A 143 -13.97 4.82 -12.17
N PHE A 144 -13.91 4.47 -10.89
CA PHE A 144 -15.10 4.09 -10.14
C PHE A 144 -15.44 5.23 -9.18
N PRO A 145 -16.55 5.93 -9.45
CA PRO A 145 -16.96 7.04 -8.59
C PRO A 145 -17.43 6.57 -7.21
N LEU A 146 -16.49 6.48 -6.27
CA LEU A 146 -16.81 6.13 -4.89
C LEU A 146 -17.65 7.24 -4.27
N GLU A 147 -17.34 8.48 -4.65
CA GLU A 147 -18.11 9.64 -4.25
C GLU A 147 -18.26 10.57 -5.44
N ARG A 148 -19.00 11.66 -5.25
CA ARG A 148 -19.18 12.65 -6.31
C ARG A 148 -17.89 13.43 -6.52
N ASP A 149 -17.00 13.38 -5.52
CA ASP A 149 -15.74 14.11 -5.58
C ASP A 149 -14.54 13.16 -5.48
N VAL A 150 -14.80 11.87 -5.58
CA VAL A 150 -13.73 10.87 -5.50
C VAL A 150 -13.81 9.83 -6.63
N LEU A 151 -12.79 9.78 -7.46
CA LEU A 151 -12.71 8.79 -8.53
C LEU A 151 -11.52 7.86 -8.29
N SER A 152 -11.76 6.56 -8.46
CA SER A 152 -10.72 5.57 -8.19
C SER A 152 -10.69 4.46 -9.23
N LEU A 153 -9.49 4.08 -9.66
CA LEU A 153 -9.32 2.94 -10.56
C LEU A 153 -9.54 1.64 -9.80
N GLU A 154 -9.50 1.74 -8.47
CA GLU A 154 -9.67 0.59 -7.59
C GLU A 154 -8.68 -0.53 -7.89
N LEU A 155 -7.41 -0.17 -8.08
CA LEU A 155 -6.34 -1.13 -8.26
C LEU A 155 -5.66 -1.37 -6.91
N ASN A 156 -6.21 -2.29 -6.14
CA ASN A 156 -5.76 -2.51 -4.76
C ASN A 156 -4.38 -3.16 -4.63
N ASP A 157 -3.75 -3.45 -5.75
CA ASP A 157 -2.39 -3.97 -5.75
C ASP A 157 -1.44 -3.06 -6.53
N SER A 158 -1.94 -1.88 -6.90
CA SER A 158 -1.16 -0.95 -7.71
C SER A 158 0.08 -0.43 -7.01
N PHE A 159 0.01 -0.28 -5.69
CA PHE A 159 1.16 0.22 -4.93
C PHE A 159 2.32 -0.78 -4.99
N ARG A 160 1.99 -2.06 -4.83
CA ARG A 160 2.99 -3.11 -4.90
C ARG A 160 3.56 -3.23 -6.30
N ASP A 161 2.67 -3.24 -7.30
CA ASP A 161 3.07 -3.40 -8.69
C ASP A 161 3.95 -2.26 -9.18
N LEU A 162 3.62 -1.05 -8.76
CA LEU A 162 4.32 0.14 -9.28
C LEU A 162 5.66 0.40 -8.58
N TYR A 163 5.71 0.19 -7.27
CA TYR A 163 6.89 0.55 -6.50
C TYR A 163 7.80 -0.62 -6.13
N LEU A 164 7.23 -1.82 -6.04
CA LEU A 164 8.01 -3.01 -5.73
C LEU A 164 8.32 -3.79 -7.00
N ALA A 165 7.29 -4.02 -7.81
CA ALA A 165 7.44 -4.81 -9.04
C ALA A 165 7.78 -3.93 -10.24
N LYS A 166 7.74 -2.61 -10.05
CA LYS A 166 8.03 -1.65 -11.10
C LYS A 166 7.15 -1.82 -12.34
N ASP A 167 5.93 -2.31 -12.13
CA ASP A 167 4.98 -2.50 -13.22
C ASP A 167 4.25 -1.20 -13.54
N PRO A 168 4.44 -0.70 -14.78
CA PRO A 168 3.87 0.58 -15.22
C PRO A 168 2.40 0.50 -15.63
N THR A 169 1.76 -0.64 -15.40
CA THR A 169 0.36 -0.83 -15.76
C THR A 169 -0.61 0.19 -15.12
N PRO A 170 -0.51 0.43 -13.80
CA PRO A 170 -1.44 1.41 -13.21
C PRO A 170 -1.28 2.81 -13.82
N VAL A 171 -0.05 3.19 -14.15
CA VAL A 171 0.21 4.47 -14.79
C VAL A 171 -0.47 4.54 -16.15
N PHE A 172 -0.41 3.45 -16.91
CA PHE A 172 -0.99 3.39 -18.24
C PHE A 172 -2.52 3.46 -18.17
N LEU A 173 -3.10 2.73 -17.22
CA LEU A 173 -4.56 2.74 -17.05
C LEU A 173 -5.05 4.11 -16.59
N LEU A 174 -4.30 4.75 -15.72
CA LEU A 174 -4.65 6.07 -15.22
C LEU A 174 -4.58 7.11 -16.33
N SER A 175 -3.61 6.94 -17.23
CA SER A 175 -3.45 7.84 -18.36
C SER A 175 -4.63 7.75 -19.31
N ARG A 176 -5.09 6.53 -19.57
CA ARG A 176 -6.24 6.30 -20.45
C ARG A 176 -7.50 6.88 -19.82
N ALA A 177 -7.64 6.72 -18.51
CA ALA A 177 -8.79 7.24 -17.79
C ALA A 177 -8.80 8.76 -17.85
N LEU A 178 -7.64 9.38 -17.64
CA LEU A 178 -7.50 10.82 -17.70
C LEU A 178 -7.75 11.34 -19.11
N MSE A 179 -7.27 10.58 -20.10
CA MSE A 179 -7.47 10.93 -21.51
C MSE A 179 -8.95 10.86 -21.89
O MSE A 179 -9.42 11.66 -22.70
CB MSE A 179 -6.64 10.02 -22.41
CG MSE A 179 -6.89 10.21 -23.90
SE MSE A 179 -6.46 12.01 -24.53
CE MSE A 179 -4.57 12.04 -24.12
N GLY A 180 -9.65 9.90 -21.31
CA GLY A 180 -11.08 9.74 -21.56
C GLY A 180 -11.86 10.97 -21.15
N ILE A 181 -11.42 11.63 -20.08
CA ILE A 181 -12.05 12.86 -19.63
C ILE A 181 -11.78 13.99 -20.63
N GLN A 182 -10.57 14.01 -21.19
CA GLN A 182 -10.20 15.01 -22.19
C GLN A 182 -10.96 14.82 -23.50
N LYS A 183 -11.30 13.57 -23.81
CA LYS A 183 -12.04 13.27 -25.03
C LYS A 183 -13.46 13.84 -24.97
N LYS A 184 -13.98 14.01 -23.76
CA LYS A 184 -15.36 14.45 -23.58
C LYS A 184 -15.47 15.93 -23.23
N HIS A 185 -14.61 16.39 -22.32
CA HIS A 185 -14.72 17.75 -21.81
C HIS A 185 -13.65 18.70 -22.34
N GLY A 186 -12.72 18.15 -23.14
CA GLY A 186 -11.66 18.96 -23.72
C GLY A 186 -10.35 18.79 -22.99
N LEU A 187 -9.27 19.23 -23.63
CA LEU A 187 -7.92 19.09 -23.08
C LEU A 187 -7.74 19.86 -21.78
N PHE A 188 -6.93 19.30 -20.89
CA PHE A 188 -6.53 20.01 -19.68
C PHE A 188 -5.67 21.20 -20.07
N PRO A 189 -6.09 22.41 -19.71
CA PRO A 189 -5.32 23.62 -20.01
C PRO A 189 -3.91 23.55 -19.40
N ARG A 190 -3.81 22.94 -18.22
CA ARG A 190 -2.52 22.75 -17.57
C ARG A 190 -2.40 21.36 -16.97
N ILE A 191 -1.23 20.75 -17.15
CA ILE A 191 -0.91 19.49 -16.49
C ILE A 191 0.20 19.73 -15.48
N ILE A 192 -0.19 19.98 -14.24
CA ILE A 192 0.75 20.28 -13.17
C ILE A 192 1.00 19.02 -12.35
N GLY A 193 2.25 18.79 -11.96
CA GLY A 193 2.56 17.58 -11.21
C GLY A 193 3.92 17.53 -10.52
N LYS A 194 4.09 16.50 -9.71
CA LYS A 194 5.31 16.31 -8.94
C LYS A 194 5.56 14.82 -8.71
N GLY A 195 6.74 14.35 -9.13
CA GLY A 195 7.08 12.95 -8.97
C GLY A 195 7.35 12.26 -10.29
N GLU A 196 8.11 11.18 -10.24
CA GLU A 196 8.50 10.47 -11.45
C GLU A 196 7.30 9.85 -12.17
N ASN A 197 6.43 9.20 -11.42
CA ASN A 197 5.24 8.58 -11.99
C ASN A 197 4.18 9.61 -12.36
N ALA A 198 4.27 10.79 -11.75
CA ALA A 198 3.41 11.90 -12.13
C ALA A 198 3.84 12.40 -13.50
N LYS A 199 5.15 12.44 -13.72
CA LYS A 199 5.71 12.86 -15.00
C LYS A 199 5.41 11.83 -16.10
N ARG A 200 5.42 10.56 -15.72
CA ARG A 200 5.14 9.47 -16.66
C ARG A 200 3.69 9.54 -17.16
N VAL A 201 2.78 9.96 -16.28
CA VAL A 201 1.39 10.15 -16.68
C VAL A 201 1.26 11.33 -17.63
N ALA A 202 2.02 12.38 -17.36
CA ALA A 202 2.01 13.58 -18.20
C ALA A 202 2.60 13.28 -19.57
N ASP A 203 3.65 12.46 -19.61
CA ASP A 203 4.28 12.08 -20.87
C ASP A 203 3.33 11.22 -21.71
N LEU A 204 2.58 10.34 -21.05
CA LEU A 204 1.64 9.48 -21.74
C LEU A 204 0.46 10.27 -22.32
N LEU A 205 0.01 11.28 -21.58
CA LEU A 205 -1.07 12.14 -22.05
C LEU A 205 -0.66 12.88 -23.31
N SER A 206 0.62 13.25 -23.40
CA SER A 206 1.15 13.93 -24.57
C SER A 206 1.26 12.97 -25.75
N ARG A 207 1.75 11.76 -25.49
CA ARG A 207 1.93 10.76 -26.53
C ARG A 207 0.58 10.26 -27.08
N MSE A 208 -0.36 10.03 -26.17
CA MSE A 208 -1.69 9.55 -26.58
C MSE A 208 -2.43 10.60 -27.39
O MSE A 208 -3.19 10.26 -28.29
CB MSE A 208 -2.51 9.17 -25.35
CG MSE A 208 -2.02 7.92 -24.63
SE MSE A 208 -3.01 7.55 -22.98
CE MSE A 208 -4.75 7.15 -23.77
N ARG A 209 -2.18 11.87 -27.08
CA ARG A 209 -2.81 12.97 -27.81
C ARG A 209 -2.36 12.97 -29.27
N GLN A 210 -1.06 12.86 -29.49
CA GLN A 210 -0.51 12.88 -30.84
C GLN A 210 -0.82 11.60 -31.61
N GLU A 211 -1.04 10.51 -30.88
CA GLU A 211 -1.43 9.25 -31.53
C GLU A 211 -2.90 9.27 -31.93
N LEU A 212 -3.67 10.12 -31.27
CA LEU A 212 -5.08 10.30 -31.62
C LEU A 212 -5.24 11.01 -32.95
N LEU A 213 -4.15 11.60 -33.44
CA LEU A 213 -4.14 12.28 -34.72
C LEU A 213 -4.02 11.28 -35.87
N ALA A 214 -3.83 10.01 -35.52
CA ALA A 214 -3.74 8.95 -36.52
C ALA A 214 -4.97 8.06 -36.51
N GLU A 220 -1.68 5.99 -43.21
CA GLU A 220 -2.76 5.96 -42.24
C GLU A 220 -3.82 7.03 -42.54
N SER A 221 -4.49 7.50 -41.50
CA SER A 221 -5.52 8.52 -41.65
C SER A 221 -5.40 9.60 -40.58
N ASP A 222 -5.49 10.85 -41.00
CA ASP A 222 -5.39 11.98 -40.07
C ASP A 222 -6.72 12.22 -39.36
N ARG A 223 -6.66 12.56 -38.08
CA ARG A 223 -7.84 12.90 -37.31
C ARG A 223 -7.88 14.38 -36.99
N ALA A 224 -9.01 14.83 -36.45
CA ALA A 224 -9.24 16.26 -36.19
C ALA A 224 -8.24 16.85 -35.21
N GLY A 225 -8.35 16.42 -33.96
CA GLY A 225 -7.54 16.99 -32.89
C GLY A 225 -8.45 17.45 -31.77
N LEU A 226 -7.84 17.95 -30.69
CA LEU A 226 -8.61 18.35 -29.52
C LEU A 226 -8.33 19.79 -29.12
N SER A 227 -9.36 20.47 -28.63
CA SER A 227 -9.23 21.84 -28.16
C SER A 227 -9.26 21.88 -26.63
N PRO A 228 -8.61 22.89 -26.03
CA PRO A 228 -8.60 23.05 -24.57
C PRO A 228 -10.00 23.13 -23.98
N SER A 229 -10.13 22.72 -22.72
CA SER A 229 -11.43 22.71 -22.05
C SER A 229 -11.85 24.12 -21.64
N THR A 230 -13.17 24.31 -21.50
CA THR A 230 -13.71 25.58 -21.04
C THR A 230 -14.42 25.39 -19.70
N THR A 231 -14.43 24.15 -19.22
CA THR A 231 -15.06 23.83 -17.94
C THR A 231 -14.04 23.26 -16.96
N ILE A 232 -12.86 22.90 -17.47
CA ILE A 232 -11.80 22.36 -16.62
C ILE A 232 -10.66 23.35 -16.47
N GLU A 233 -10.29 23.64 -15.23
CA GLU A 233 -9.18 24.55 -14.96
C GLU A 233 -7.84 23.90 -15.27
N SER A 234 -7.54 22.82 -14.54
CA SER A 234 -6.28 22.11 -14.72
C SER A 234 -6.32 20.73 -14.08
N VAL A 235 -5.23 19.98 -14.25
CA VAL A 235 -5.07 18.70 -13.56
C VAL A 235 -3.79 18.74 -12.73
N ILE A 236 -3.89 18.25 -11.49
CA ILE A 236 -2.72 18.18 -10.61
C ILE A 236 -2.42 16.74 -10.25
N ILE A 237 -1.19 16.31 -10.55
CA ILE A 237 -0.81 14.92 -10.35
C ILE A 237 0.30 14.78 -9.31
N ILE A 238 0.02 14.03 -8.23
CA ILE A 238 0.99 13.83 -7.18
C ILE A 238 1.40 12.36 -7.08
N ASP A 239 2.71 12.11 -7.15
CA ASP A 239 3.24 10.76 -7.02
C ASP A 239 3.34 10.38 -5.55
N ARG A 240 2.88 9.17 -5.23
CA ARG A 240 2.85 8.69 -3.85
C ARG A 240 4.24 8.60 -3.23
N GLU A 241 5.23 8.24 -4.04
CA GLU A 241 6.58 8.05 -3.54
C GLU A 241 7.27 9.35 -3.14
N VAL A 242 6.62 10.48 -3.44
CA VAL A 242 7.13 11.78 -3.04
C VAL A 242 6.86 12.00 -1.56
N ASP A 243 5.78 11.39 -1.05
CA ASP A 243 5.41 11.53 0.34
C ASP A 243 4.96 10.20 0.95
N PHE A 244 5.91 9.37 1.34
CA PHE A 244 5.62 8.10 2.00
C PHE A 244 5.20 8.31 3.45
N VAL A 245 5.63 9.42 4.03
CA VAL A 245 5.42 9.68 5.45
C VAL A 245 3.95 9.76 5.86
N THR A 246 3.16 10.51 5.11
CA THR A 246 1.73 10.69 5.44
C THR A 246 0.95 9.38 5.60
N PRO A 247 0.99 8.48 4.60
CA PRO A 247 0.25 7.22 4.79
C PRO A 247 0.85 6.32 5.86
N LEU A 248 2.14 6.48 6.15
CA LEU A 248 2.81 5.70 7.18
C LEU A 248 2.27 6.02 8.57
N LEU A 249 1.97 7.30 8.79
CA LEU A 249 1.40 7.74 10.06
C LEU A 249 0.02 7.13 10.29
N THR A 250 -0.37 7.03 11.56
CA THR A 250 -1.70 6.54 11.91
C THR A 250 -2.73 7.64 11.67
N GLN A 251 -3.70 7.38 10.80
CA GLN A 251 -4.73 8.36 10.48
C GLN A 251 -5.61 8.63 11.70
N LEU A 252 -5.94 9.90 11.91
CA LEU A 252 -6.66 10.30 13.12
C LEU A 252 -8.07 10.82 12.86
N THR A 253 -8.51 10.76 11.61
CA THR A 253 -9.90 11.06 11.29
C THR A 253 -10.75 9.84 11.59
N TYR A 254 -12.06 10.02 11.65
CA TYR A 254 -12.97 8.93 11.95
C TYR A 254 -12.89 7.83 10.89
N GLU A 255 -13.05 8.21 9.63
CA GLU A 255 -12.95 7.25 8.53
C GLU A 255 -11.54 6.68 8.43
N GLY A 256 -10.56 7.51 8.76
CA GLY A 256 -9.17 7.09 8.75
C GLY A 256 -8.92 5.96 9.75
N LEU A 257 -9.42 6.13 10.97
CA LEU A 257 -9.25 5.14 12.02
C LEU A 257 -10.04 3.85 11.73
N ILE A 258 -11.15 3.99 11.02
CA ILE A 258 -11.92 2.82 10.59
C ILE A 258 -11.08 2.00 9.62
N ASP A 259 -10.41 2.69 8.70
CA ASP A 259 -9.56 2.03 7.72
C ASP A 259 -8.34 1.42 8.40
N GLU A 260 -7.86 2.08 9.46
CA GLU A 260 -6.72 1.59 10.22
C GLU A 260 -7.08 0.35 11.03
N TYR A 261 -8.24 0.39 11.68
CA TYR A 261 -8.64 -0.65 12.61
C TYR A 261 -9.41 -1.78 11.93
N PHE A 262 -10.45 -1.42 11.17
CA PHE A 262 -11.29 -2.41 10.51
C PHE A 262 -10.85 -2.66 9.07
N GLY A 263 -10.50 -1.60 8.36
CA GLY A 263 -10.15 -1.69 6.96
C GLY A 263 -11.36 -1.44 6.07
N ILE A 264 -11.20 -0.58 5.08
CA ILE A 264 -12.31 -0.22 4.20
C ILE A 264 -12.04 -0.59 2.76
N GLN A 265 -12.94 -1.38 2.18
CA GLN A 265 -12.87 -1.73 0.77
C GLN A 265 -14.23 -1.54 0.10
N ASN A 266 -14.24 -0.75 -0.98
CA ASN A 266 -15.46 -0.50 -1.76
C ASN A 266 -16.59 0.10 -0.93
N ASN A 267 -16.28 1.17 -0.19
CA ASN A 267 -17.26 1.85 0.65
C ASN A 267 -17.92 0.93 1.68
N GLN A 268 -17.22 -0.13 2.07
CA GLN A 268 -17.75 -1.09 3.02
C GLN A 268 -16.67 -1.58 3.98
N THR A 269 -17.09 -2.02 5.15
CA THR A 269 -16.18 -2.55 6.16
C THR A 269 -16.85 -3.70 6.90
N ASP A 270 -16.04 -4.53 7.56
CA ASP A 270 -16.55 -5.68 8.28
C ASP A 270 -16.31 -5.60 9.79
N VAL A 271 -17.37 -5.29 10.54
CA VAL A 271 -17.32 -5.38 11.99
C VAL A 271 -17.84 -6.75 12.41
N ASP A 272 -17.47 -7.17 13.62
CA ASP A 272 -17.90 -8.48 14.11
C ASP A 272 -19.23 -8.37 14.84
N ARG A 298 -19.06 -15.62 10.53
CA ARG A 298 -19.10 -14.57 9.50
C ARG A 298 -19.32 -13.21 10.13
N LYS A 299 -19.19 -12.16 9.32
CA LYS A 299 -19.23 -10.79 9.84
C LYS A 299 -20.24 -9.89 9.12
N ARG A 300 -20.63 -8.81 9.79
CA ARG A 300 -21.59 -7.86 9.25
C ARG A 300 -20.91 -6.79 8.39
N LYS A 301 -21.49 -6.50 7.23
CA LYS A 301 -20.94 -5.47 6.36
C LYS A 301 -21.61 -4.11 6.56
N ILE A 302 -20.79 -3.11 6.88
CA ILE A 302 -21.30 -1.76 7.12
C ILE A 302 -21.02 -0.85 5.93
N GLN A 303 -22.07 -0.26 5.38
CA GLN A 303 -21.92 0.66 4.25
C GLN A 303 -21.32 1.99 4.71
N LEU A 304 -20.30 2.44 4.00
CA LEU A 304 -19.62 3.68 4.36
C LEU A 304 -19.44 4.62 3.16
N ASP A 305 -20.44 5.47 2.91
CA ASP A 305 -20.34 6.46 1.86
C ASP A 305 -21.11 7.74 2.19
N GLY A 306 -21.12 8.69 1.26
CA GLY A 306 -21.72 9.99 1.49
C GLY A 306 -23.23 10.04 1.40
N SER A 307 -23.84 8.94 0.98
CA SER A 307 -25.29 8.88 0.87
C SER A 307 -25.96 8.98 2.23
N ASP A 308 -25.25 8.51 3.27
CA ASP A 308 -25.73 8.64 4.64
C ASP A 308 -25.41 10.03 5.16
N SER A 309 -26.43 10.73 5.64
CA SER A 309 -26.28 12.09 6.14
C SER A 309 -25.31 12.18 7.31
N LEU A 310 -25.49 11.29 8.28
CA LEU A 310 -24.67 11.29 9.48
C LEU A 310 -23.20 11.01 9.19
N TYR A 311 -22.96 10.06 8.29
CA TYR A 311 -21.59 9.66 7.98
C TYR A 311 -20.84 10.71 7.18
N SER A 312 -21.58 11.50 6.39
CA SER A 312 -20.99 12.57 5.61
C SER A 312 -20.34 13.61 6.52
N GLN A 313 -20.90 13.78 7.71
CA GLN A 313 -20.39 14.75 8.66
C GLN A 313 -19.30 14.15 9.54
N LEU A 314 -19.38 12.85 9.79
CA LEU A 314 -18.46 12.17 10.70
C LEU A 314 -17.14 11.76 10.05
N ARG A 315 -17.21 11.38 8.77
CA ARG A 315 -16.07 10.75 8.09
C ARG A 315 -14.79 11.58 8.06
N ASP A 316 -14.93 12.90 7.93
CA ASP A 316 -13.78 13.78 7.79
C ASP A 316 -13.36 14.41 9.10
N ALA A 317 -14.18 14.26 10.12
CA ALA A 317 -13.90 14.87 11.42
C ALA A 317 -12.79 14.14 12.16
N ASN A 318 -11.97 14.90 12.88
CA ASN A 318 -10.99 14.30 13.78
C ASN A 318 -11.71 13.48 14.83
N PHE A 319 -11.20 12.28 15.10
CA PHE A 319 -11.90 11.32 15.95
C PHE A 319 -12.12 11.82 17.38
N ALA A 320 -11.34 12.81 17.79
CA ALA A 320 -11.44 13.35 19.14
C ALA A 320 -12.77 14.04 19.42
N ILE A 321 -13.45 14.47 18.35
CA ILE A 321 -14.72 15.18 18.50
C ILE A 321 -15.92 14.32 18.09
N VAL A 322 -15.66 13.07 17.70
CA VAL A 322 -16.71 12.17 17.27
C VAL A 322 -17.74 11.91 18.39
N GLY A 323 -17.23 11.67 19.60
CA GLY A 323 -18.09 11.48 20.75
C GLY A 323 -19.03 12.64 20.97
N SER A 324 -18.48 13.85 20.96
CA SER A 324 -19.30 15.05 21.10
C SER A 324 -20.24 15.23 19.93
N LEU A 325 -19.76 14.91 18.73
CA LEU A 325 -20.57 14.97 17.53
C LEU A 325 -21.77 14.03 17.66
N LEU A 326 -21.51 12.82 18.15
CA LEU A 326 -22.55 11.82 18.35
C LEU A 326 -23.55 12.24 19.42
N ASN A 327 -23.06 12.93 20.45
CA ASN A 327 -23.92 13.43 21.51
C ASN A 327 -24.89 14.50 21.01
N THR A 328 -24.39 15.39 20.17
CA THR A 328 -25.21 16.47 19.61
C THR A 328 -26.30 15.91 18.71
N VAL A 329 -25.94 14.95 17.87
CA VAL A 329 -26.89 14.34 16.94
C VAL A 329 -27.97 13.58 17.69
N ALA A 330 -27.56 12.83 18.72
CA ALA A 330 -28.50 12.04 19.51
C ALA A 330 -29.50 12.92 20.25
N ARG A 331 -29.04 14.05 20.76
CA ARG A 331 -29.89 14.96 21.52
C ARG A 331 -30.84 15.72 20.60
N ARG A 332 -30.43 15.92 19.35
CA ARG A 332 -31.26 16.60 18.37
C ARG A 332 -32.41 15.71 17.90
N LEU A 333 -32.13 14.42 17.74
CA LEU A 333 -33.14 13.48 17.28
C LEU A 333 -34.26 13.29 18.28
N LYS A 334 -33.93 13.31 19.57
CA LYS A 334 -34.91 13.09 20.62
C LYS A 334 -35.71 14.37 20.90
N SER A 335 -35.15 15.51 20.55
CA SER A 335 -35.81 16.79 20.78
C SER A 335 -37.09 16.92 19.97
N TYR A 359 -35.64 10.98 7.57
CA TYR A 359 -35.22 11.04 8.97
C TYR A 359 -35.52 9.73 9.71
N GLN A 360 -35.17 8.62 9.07
CA GLN A 360 -35.37 7.30 9.66
C GLN A 360 -34.07 6.51 9.64
N ALA A 361 -33.33 6.64 8.56
CA ALA A 361 -32.05 5.96 8.41
C ALA A 361 -30.98 6.59 9.30
N GLU A 362 -31.22 7.83 9.70
CA GLU A 362 -30.28 8.54 10.57
C GLU A 362 -30.34 7.96 11.98
N GLN A 363 -31.49 7.42 12.35
CA GLN A 363 -31.68 6.82 13.66
C GLN A 363 -30.82 5.55 13.80
N GLN A 364 -30.87 4.69 12.79
CA GLN A 364 -30.09 3.46 12.81
C GLN A 364 -28.61 3.74 12.52
N SER A 365 -28.35 4.82 11.79
CA SER A 365 -26.97 5.24 11.53
C SER A 365 -26.31 5.73 12.81
N LEU A 366 -27.12 6.30 13.70
CA LEU A 366 -26.64 6.77 14.99
C LEU A 366 -26.15 5.60 15.85
N LYS A 367 -26.87 4.48 15.78
CA LYS A 367 -26.50 3.29 16.53
C LYS A 367 -25.27 2.64 15.94
N ILE A 368 -25.19 2.59 14.63
CA ILE A 368 -24.06 1.99 13.93
C ILE A 368 -22.74 2.67 14.28
N HIS A 369 -22.73 4.00 14.17
CA HIS A 369 -21.50 4.76 14.38
C HIS A 369 -21.20 5.00 15.86
N SER A 370 -22.18 4.78 16.72
CA SER A 370 -21.95 4.80 18.16
C SER A 370 -21.20 3.54 18.56
N ASN A 371 -21.54 2.43 17.91
CA ASN A 371 -20.88 1.16 18.16
C ASN A 371 -19.46 1.13 17.59
N ILE A 372 -19.30 1.66 16.38
CA ILE A 372 -18.00 1.71 15.73
C ILE A 372 -17.04 2.60 16.50
N ALA A 373 -17.51 3.79 16.86
CA ALA A 373 -16.69 4.74 17.60
C ALA A 373 -16.27 4.18 18.96
N GLU A 374 -17.20 3.49 19.62
CA GLU A 374 -16.93 2.92 20.93
C GLU A 374 -15.80 1.90 20.88
N GLU A 375 -15.75 1.12 19.80
CA GLU A 375 -14.69 0.15 19.62
C GLU A 375 -13.36 0.82 19.28
N ILE A 376 -13.42 1.88 18.48
CA ILE A 376 -12.22 2.63 18.13
C ILE A 376 -11.66 3.36 19.35
N ILE A 377 -12.56 3.87 20.19
CA ILE A 377 -12.17 4.50 21.44
C ILE A 377 -11.42 3.50 22.33
N ASN A 378 -11.97 2.28 22.43
CA ASN A 378 -11.34 1.22 23.19
C ASN A 378 -9.93 0.89 22.70
N TYR A 379 -9.74 0.96 21.38
CA TYR A 379 -8.45 0.68 20.77
C TYR A 379 -7.46 1.81 21.02
N THR A 380 -7.96 3.04 21.01
CA THR A 380 -7.10 4.22 21.18
C THR A 380 -6.69 4.45 22.64
N ARG A 381 -7.31 3.71 23.56
CA ARG A 381 -6.98 3.86 24.98
C ARG A 381 -5.86 2.92 25.42
N THR A 382 -5.53 1.95 24.57
CA THR A 382 -4.50 0.97 24.91
C THR A 382 -3.12 1.62 25.00
N GLU A 383 -2.26 1.03 25.83
CA GLU A 383 -0.90 1.54 26.00
C GLU A 383 -0.10 1.42 24.70
N ILE A 384 -0.38 0.36 23.95
CA ILE A 384 0.31 0.10 22.68
C ILE A 384 0.02 1.20 21.66
N PHE A 385 -1.25 1.57 21.52
CA PHE A 385 -1.65 2.60 20.58
C PHE A 385 -0.99 3.93 20.90
N ASN A 386 -1.07 4.36 22.15
CA ASN A 386 -0.49 5.62 22.57
C ASN A 386 1.04 5.62 22.45
N LYS A 387 1.62 4.43 22.60
CA LYS A 387 3.06 4.28 22.42
C LYS A 387 3.41 4.43 20.94
N LEU A 388 2.55 3.90 20.07
CA LEU A 388 2.71 4.04 18.64
C LEU A 388 2.64 5.51 18.23
N LEU A 389 1.64 6.21 18.76
CA LEU A 389 1.47 7.63 18.47
C LEU A 389 2.64 8.46 18.99
N GLU A 390 3.13 8.09 20.17
CA GLU A 390 4.25 8.79 20.79
C GLU A 390 5.48 8.78 19.90
N VAL A 391 5.80 7.62 19.35
CA VAL A 391 6.94 7.48 18.44
C VAL A 391 6.66 8.24 17.14
N GLN A 392 5.44 8.14 16.64
CA GLN A 392 5.06 8.82 15.41
C GLN A 392 5.16 10.33 15.55
N GLN A 393 4.62 10.86 16.64
CA GLN A 393 4.62 12.30 16.89
C GLN A 393 6.03 12.85 17.04
N ASN A 394 6.86 12.16 17.81
CA ASN A 394 8.25 12.56 18.01
C ASN A 394 9.03 12.60 16.70
N LEU A 395 8.90 11.56 15.89
CA LEU A 395 9.60 11.49 14.62
C LEU A 395 9.10 12.55 13.65
N ALA A 396 7.79 12.79 13.64
CA ALA A 396 7.20 13.78 12.75
C ALA A 396 7.52 15.21 13.20
N ALA A 397 7.64 15.41 14.51
CA ALA A 397 7.92 16.73 15.06
C ALA A 397 9.36 17.18 14.75
N GLY A 398 10.28 16.21 14.69
CA GLY A 398 11.66 16.52 14.38
C GLY A 398 12.62 16.15 15.50
N ALA A 399 12.12 15.44 16.50
CA ALA A 399 12.96 15.00 17.61
C ALA A 399 14.01 14.01 17.13
N ASP A 400 15.08 13.84 17.89
CA ASP A 400 16.13 12.91 17.53
C ASP A 400 15.57 11.49 17.49
N PRO A 401 15.67 10.86 16.31
CA PRO A 401 15.10 9.52 16.06
C PRO A 401 15.67 8.46 17.00
N SER A 402 16.90 8.66 17.46
CA SER A 402 17.56 7.72 18.36
C SER A 402 16.85 7.62 19.71
N SER A 403 16.19 8.69 20.10
CA SER A 403 15.51 8.74 21.40
C SER A 403 14.27 7.84 21.42
N GLN A 404 13.83 7.40 20.26
CA GLN A 404 12.62 6.60 20.15
C GLN A 404 12.94 5.10 20.07
N PHE A 405 14.21 4.76 20.21
CA PHE A 405 14.65 3.37 20.09
C PHE A 405 14.02 2.46 21.14
N ASP A 406 14.09 2.89 22.40
CA ASP A 406 13.58 2.09 23.51
C ASP A 406 12.08 1.83 23.40
N SER A 407 11.34 2.80 22.86
CA SER A 407 9.91 2.65 22.66
C SER A 407 9.62 1.61 21.58
N ILE A 408 10.35 1.68 20.47
CA ILE A 408 10.22 0.71 19.39
C ILE A 408 10.60 -0.68 19.85
N GLU A 409 11.67 -0.76 20.64
CA GLU A 409 12.14 -2.03 21.18
C GLU A 409 11.08 -2.63 22.10
N GLU A 410 10.41 -1.78 22.86
CA GLU A 410 9.35 -2.21 23.76
C GLU A 410 8.16 -2.77 22.98
N LEU A 411 7.77 -2.05 21.93
CA LEU A 411 6.65 -2.46 21.09
C LEU A 411 6.87 -3.83 20.45
N VAL A 412 8.09 -4.06 19.98
CA VAL A 412 8.44 -5.37 19.43
C VAL A 412 8.39 -6.42 20.54
N ALA A 413 8.87 -6.04 21.72
CA ALA A 413 8.88 -6.93 22.87
C ALA A 413 7.46 -7.26 23.34
N ARG A 414 6.55 -6.30 23.20
CA ARG A 414 5.15 -6.51 23.56
C ARG A 414 4.37 -7.17 22.43
N ASP A 415 5.08 -7.53 21.37
CA ASP A 415 4.49 -8.24 20.23
C ASP A 415 3.34 -7.49 19.59
N THR A 416 3.54 -6.20 19.29
CA THR A 416 2.55 -5.43 18.55
C THR A 416 2.61 -5.91 17.09
N PRO A 417 1.48 -5.82 16.37
CA PRO A 417 1.40 -6.28 14.98
C PRO A 417 2.54 -5.76 14.12
N LEU A 418 3.16 -6.66 13.35
CA LEU A 418 4.30 -6.33 12.51
C LEU A 418 4.17 -5.08 11.61
N PRO A 419 3.03 -4.91 10.92
CA PRO A 419 2.89 -3.71 10.09
C PRO A 419 3.09 -2.41 10.88
N GLN A 420 2.55 -2.35 12.09
CA GLN A 420 2.70 -1.17 12.93
C GLN A 420 4.15 -0.88 13.29
N VAL A 421 4.93 -1.94 13.49
CA VAL A 421 6.35 -1.80 13.80
C VAL A 421 7.14 -1.36 12.57
N LEU A 422 6.84 -1.97 11.44
CA LEU A 422 7.52 -1.64 10.19
C LEU A 422 7.23 -0.21 9.76
N ARG A 423 6.00 0.24 9.98
CA ARG A 423 5.61 1.61 9.66
C ARG A 423 6.44 2.63 10.43
N LEU A 424 6.76 2.31 11.68
CA LEU A 424 7.60 3.17 12.49
C LEU A 424 9.03 3.23 11.95
N LEU A 425 9.56 2.07 11.56
CA LEU A 425 10.91 1.98 11.02
C LEU A 425 11.02 2.72 9.70
N CYS A 426 9.98 2.63 8.87
CA CYS A 426 9.95 3.30 7.59
C CYS A 426 9.75 4.81 7.75
N LEU A 427 8.98 5.19 8.76
CA LEU A 427 8.81 6.59 9.11
C LEU A 427 10.15 7.18 9.54
N TYR A 428 10.87 6.41 10.35
CA TYR A 428 12.23 6.76 10.78
C TYR A 428 13.09 7.01 9.55
N SER A 429 13.17 6.02 8.66
CA SER A 429 14.03 6.10 7.49
C SER A 429 13.63 7.22 6.53
N CYS A 430 12.34 7.32 6.25
CA CYS A 430 11.84 8.29 5.27
C CYS A 430 11.87 9.73 5.74
N ILE A 431 11.91 9.94 7.06
CA ILE A 431 11.87 11.29 7.60
C ILE A 431 13.24 11.76 8.09
N SER A 432 14.18 10.82 8.23
CA SER A 432 15.51 11.15 8.73
C SER A 432 16.58 10.88 7.68
N GLY A 433 16.15 10.64 6.44
CA GLY A 433 17.06 10.36 5.35
C GLY A 433 17.88 9.12 5.58
N GLY A 434 17.21 8.02 5.92
CA GLY A 434 17.87 6.77 6.18
C GLY A 434 18.16 6.55 7.66
N ILE A 435 18.60 5.35 8.00
CA ILE A 435 18.88 5.00 9.38
C ILE A 435 20.38 4.77 9.59
N LYS A 436 20.89 5.25 10.72
CA LYS A 436 22.29 5.08 11.10
C LYS A 436 22.67 3.60 11.10
N THR A 437 23.86 3.31 10.59
CA THR A 437 24.30 1.92 10.37
C THR A 437 24.27 1.07 11.65
N LYS A 438 24.72 1.64 12.76
CA LYS A 438 24.72 0.91 14.02
C LYS A 438 23.31 0.59 14.50
N GLU A 439 22.39 1.54 14.36
CA GLU A 439 21.01 1.33 14.76
C GLU A 439 20.25 0.42 13.81
N LEU A 440 20.68 0.41 12.54
CA LEU A 440 19.99 -0.33 11.50
C LEU A 440 19.96 -1.83 11.77
N ASP A 441 21.12 -2.41 12.03
CA ASP A 441 21.23 -3.85 12.29
C ASP A 441 20.53 -4.23 13.59
N HIS A 442 20.48 -3.29 14.53
CA HIS A 442 19.79 -3.52 15.79
C HIS A 442 18.28 -3.56 15.55
N PHE A 443 17.80 -2.70 14.66
CA PHE A 443 16.39 -2.69 14.28
C PHE A 443 16.02 -3.96 13.52
N ARG A 444 16.88 -4.34 12.58
CA ARG A 444 16.64 -5.52 11.75
C ARG A 444 16.67 -6.80 12.58
N ARG A 445 17.50 -6.81 13.63
CA ARG A 445 17.61 -7.97 14.50
C ARG A 445 16.33 -8.14 15.31
N LEU A 446 15.79 -7.03 15.80
CA LEU A 446 14.54 -7.04 16.56
C LEU A 446 13.39 -7.62 15.74
N VAL A 447 13.31 -7.25 14.47
CA VAL A 447 12.25 -7.72 13.58
C VAL A 447 12.36 -9.23 13.33
N LEU A 448 13.58 -9.68 13.01
CA LEU A 448 13.82 -11.08 12.69
C LEU A 448 13.51 -12.01 13.85
N GLN A 449 14.15 -11.79 14.99
CA GLN A 449 13.96 -12.70 16.12
C GLN A 449 12.68 -12.38 16.90
N GLY A 450 11.98 -11.35 16.47
CA GLY A 450 10.70 -10.97 17.07
C GLY A 450 9.50 -11.45 16.28
N TYR A 451 9.68 -11.65 14.98
CA TYR A 451 8.58 -12.05 14.12
C TYR A 451 8.92 -13.20 13.16
N GLY A 452 10.21 -13.48 13.00
CA GLY A 452 10.64 -14.56 12.14
C GLY A 452 11.78 -14.17 11.21
N HIS A 453 12.74 -15.07 11.03
CA HIS A 453 13.86 -14.83 10.12
C HIS A 453 13.39 -14.83 8.67
N GLN A 454 12.16 -15.28 8.46
CA GLN A 454 11.51 -15.23 7.16
C GLN A 454 11.41 -13.79 6.66
N HIS A 455 11.32 -12.85 7.59
CA HIS A 455 11.18 -11.43 7.25
C HIS A 455 12.49 -10.81 6.79
N LEU A 456 13.47 -11.65 6.50
CA LEU A 456 14.69 -11.24 5.84
C LEU A 456 14.32 -10.79 4.43
N LEU A 457 13.22 -11.36 3.92
CA LEU A 457 12.66 -10.98 2.63
C LEU A 457 11.86 -9.68 2.76
N THR A 458 11.18 -9.54 3.90
CA THR A 458 10.35 -8.36 4.16
C THR A 458 11.20 -7.10 4.23
N LEU A 459 12.32 -7.19 4.94
CA LEU A 459 13.23 -6.06 5.08
C LEU A 459 13.90 -5.74 3.73
N HIS A 460 14.16 -6.78 2.95
CA HIS A 460 14.75 -6.61 1.63
C HIS A 460 13.77 -5.91 0.69
N ASN A 461 12.49 -6.25 0.81
CA ASN A 461 11.45 -5.61 0.01
C ASN A 461 11.31 -4.13 0.37
N LEU A 462 11.37 -3.83 1.66
CA LEU A 462 11.31 -2.45 2.13
C LEU A 462 12.53 -1.67 1.63
N GLU A 463 13.64 -2.38 1.47
CA GLU A 463 14.86 -1.80 0.94
C GLU A 463 14.70 -1.45 -0.54
N ARG A 464 14.06 -2.36 -1.28
CA ARG A 464 13.78 -2.13 -2.69
C ARG A 464 12.79 -0.99 -2.87
N LEU A 465 11.86 -0.88 -1.93
CA LEU A 465 10.89 0.21 -1.93
C LEU A 465 11.54 1.51 -1.49
N GLN A 466 12.79 1.41 -1.04
CA GLN A 466 13.56 2.56 -0.56
C GLN A 466 12.86 3.27 0.59
N MSE A 467 12.21 2.49 1.45
CA MSE A 467 11.50 3.04 2.60
C MSE A 467 12.21 2.66 3.90
O MSE A 467 11.88 3.18 4.97
CB MSE A 467 10.05 2.53 2.64
CG MSE A 467 9.24 2.90 1.41
SE MSE A 467 7.41 2.22 1.49
CE MSE A 467 6.80 3.18 3.07
N PHE A 468 13.18 1.77 3.80
CA PHE A 468 13.95 1.33 4.96
C PHE A 468 15.41 1.12 4.56
N LEU A 469 16.20 2.19 4.64
CA LEU A 469 17.56 2.17 4.13
C LEU A 469 18.59 2.61 5.17
N SER A 470 19.85 2.27 4.91
CA SER A 470 20.95 2.73 5.75
C SER A 470 21.31 4.16 5.37
N LYS A 471 21.85 4.91 6.32
CA LYS A 471 22.26 6.29 6.06
C LYS A 471 23.43 6.34 5.09
N SER A 472 24.22 5.26 5.06
CA SER A 472 25.39 5.18 4.19
C SER A 472 25.01 4.83 2.76
N SER A 473 23.73 4.53 2.55
CA SER A 473 23.22 4.21 1.22
C SER A 473 22.91 5.49 0.45
N PRO A 474 23.30 5.53 -0.84
CA PRO A 474 23.07 6.71 -1.68
C PRO A 474 21.59 6.93 -2.00
N LEU A 475 20.78 5.89 -1.86
CA LEU A 475 19.35 6.00 -2.14
C LEU A 475 18.60 6.68 -0.98
N ALA A 476 19.24 6.75 0.18
CA ALA A 476 18.58 7.28 1.37
C ALA A 476 18.77 8.79 1.54
N SER A 477 19.76 9.34 0.85
CA SER A 477 20.10 10.75 0.97
C SER A 477 18.95 11.67 0.56
N MSE A 478 18.67 12.65 1.41
CA MSE A 478 17.64 13.64 1.12
C MSE A 478 18.20 14.81 0.34
O MSE A 478 19.40 15.13 0.43
CB MSE A 478 17.01 14.15 2.43
CG MSE A 478 16.02 13.19 3.08
SE MSE A 478 15.59 13.74 4.90
CE MSE A 478 13.78 13.10 5.01
N ILE A 479 17.35 15.47 -0.44
CA ILE A 479 17.77 16.58 -1.29
C ILE A 479 18.28 17.78 -0.49
N THR A 480 19.53 18.16 -0.74
CA THR A 480 20.13 19.33 -0.12
C THR A 480 20.75 20.23 -1.18
N MSE A 481 20.97 21.49 -0.83
CA MSE A 481 21.59 22.44 -1.75
C MSE A 481 23.04 22.68 -1.37
O MSE A 481 23.77 23.40 -2.05
CB MSE A 481 20.82 23.76 -1.76
CG MSE A 481 19.34 23.60 -2.07
SE MSE A 481 18.99 22.89 -3.85
CE MSE A 481 18.93 24.57 -4.84
N SER A 482 23.47 22.07 -0.26
CA SER A 482 24.83 22.24 0.24
C SER A 482 25.73 21.09 -0.20
N GLY A 483 25.20 19.87 -0.12
CA GLY A 483 25.97 18.68 -0.46
C GLY A 483 26.08 18.45 -1.95
N SER A 484 26.53 19.46 -2.68
CA SER A 484 26.69 19.39 -4.13
C SER A 484 25.42 18.94 -4.84
N SER A 485 25.59 18.26 -5.98
CA SER A 485 24.48 17.68 -6.70
C SER A 485 24.33 16.22 -6.33
N GLY A 486 24.44 15.34 -7.33
CA GLY A 486 24.40 13.91 -7.09
C GLY A 486 23.02 13.38 -6.76
N GLY A 487 22.75 12.16 -7.20
CA GLY A 487 21.48 11.51 -6.93
C GLY A 487 20.31 12.14 -7.66
N PRO A 488 19.94 11.56 -8.80
CA PRO A 488 18.78 12.03 -9.57
C PRO A 488 17.48 11.68 -8.87
N ASP A 489 17.53 10.65 -8.01
CA ASP A 489 16.35 10.23 -7.25
C ASP A 489 16.58 10.45 -5.77
N GLN A 490 17.13 11.61 -5.40
CA GLN A 490 17.32 11.95 -4.01
C GLN A 490 15.96 12.22 -3.35
N LYS A 491 15.84 11.81 -2.09
CA LYS A 491 14.54 11.78 -1.42
C LYS A 491 14.06 13.12 -0.91
N THR A 492 12.76 13.20 -0.65
CA THR A 492 12.13 14.38 -0.10
C THR A 492 12.77 14.76 1.23
N ASN A 493 13.17 16.02 1.37
CA ASN A 493 13.81 16.50 2.59
C ASN A 493 12.79 17.03 3.59
N TYR A 494 12.29 16.16 4.45
CA TYR A 494 11.28 16.53 5.43
C TYR A 494 11.82 17.49 6.49
N THR A 495 13.12 17.46 6.73
CA THR A 495 13.74 18.37 7.67
C THR A 495 13.64 19.80 7.15
N TYR A 496 13.90 19.96 5.86
CA TYR A 496 13.78 21.25 5.20
C TYR A 496 12.31 21.63 5.06
N LEU A 497 11.50 20.70 4.59
CA LEU A 497 10.10 20.95 4.30
C LEU A 497 9.21 21.18 5.52
N ARG A 498 9.62 20.68 6.68
CA ARG A 498 8.85 20.85 7.91
C ARG A 498 8.69 22.33 8.26
N LYS A 499 9.76 23.09 8.06
CA LYS A 499 9.74 24.52 8.35
C LYS A 499 9.17 25.32 7.18
N GLN A 500 9.66 25.04 5.98
CA GLN A 500 9.30 25.81 4.79
C GLN A 500 7.83 25.68 4.41
N LEU A 501 7.19 24.60 4.85
CA LEU A 501 5.81 24.34 4.49
C LEU A 501 4.89 24.24 5.71
N ARG A 502 5.46 24.47 6.89
CA ARG A 502 4.74 24.39 8.16
C ARG A 502 4.00 23.06 8.31
N LEU A 503 4.77 21.97 8.26
CA LEU A 503 4.20 20.64 8.40
C LEU A 503 3.72 20.39 9.81
N ILE A 504 4.27 21.15 10.76
CA ILE A 504 3.87 21.04 12.16
C ILE A 504 3.07 22.27 12.60
N VAL A 505 1.80 22.06 12.92
CA VAL A 505 0.95 23.11 13.43
C VAL A 505 0.35 22.69 14.77
N ASP A 506 0.98 23.11 15.86
CA ASP A 506 0.52 22.73 17.18
C ASP A 506 -0.65 23.58 17.68
N GLU A 507 -1.06 24.55 16.86
CA GLU A 507 -2.25 25.34 17.16
C GLU A 507 -3.50 24.49 16.93
N VAL A 508 -4.12 24.69 15.76
CA VAL A 508 -5.30 23.96 15.28
C VAL A 508 -6.22 23.29 16.30
N ASN A 509 -7.38 23.89 16.53
CA ASN A 509 -8.39 23.27 17.36
C ASN A 509 -9.20 22.26 16.56
N GLU A 510 -9.57 21.15 17.18
CA GLU A 510 -10.22 20.05 16.47
C GLU A 510 -11.74 20.18 16.44
N GLN A 511 -12.28 21.03 17.30
CA GLN A 511 -13.72 21.28 17.32
C GLN A 511 -14.13 22.11 16.11
N ASP A 512 -13.22 22.97 15.66
CA ASP A 512 -13.47 23.81 14.49
C ASP A 512 -12.16 24.07 13.77
N PRO A 513 -11.68 23.09 12.98
CA PRO A 513 -10.37 23.13 12.33
C PRO A 513 -10.16 24.33 11.42
N ASN A 514 -8.94 24.86 11.44
CA ASN A 514 -8.59 26.02 10.61
C ASN A 514 -7.47 25.70 9.63
N ASP A 515 -7.02 24.44 9.63
CA ASP A 515 -5.95 24.01 8.75
C ASP A 515 -6.01 22.51 8.51
N ILE A 516 -5.43 22.05 7.41
CA ILE A 516 -5.46 20.64 7.05
C ILE A 516 -4.67 19.76 8.03
N ALA A 517 -3.96 20.39 8.96
CA ALA A 517 -3.18 19.65 9.95
C ALA A 517 -4.05 18.99 11.00
N TYR A 518 -5.35 19.22 10.93
CA TYR A 518 -6.29 18.65 11.89
C TYR A 518 -6.49 17.15 11.69
N VAL A 519 -6.14 16.66 10.50
CA VAL A 519 -6.33 15.25 10.18
C VAL A 519 -5.31 14.35 10.88
N TYR A 520 -4.25 14.96 11.39
CA TYR A 520 -3.25 14.25 12.19
C TYR A 520 -3.02 14.94 13.53
N SER A 521 -3.99 15.74 13.94
CA SER A 521 -3.95 16.44 15.22
C SER A 521 -2.70 17.29 15.40
N GLY A 522 -2.27 17.96 14.32
CA GLY A 522 -1.13 18.85 14.40
C GLY A 522 -0.13 18.69 13.28
N TYR A 523 -0.35 17.71 12.41
CA TYR A 523 0.56 17.46 11.30
C TYR A 523 -0.15 17.61 9.95
N ALA A 524 0.40 18.48 9.09
CA ALA A 524 -0.14 18.68 7.76
C ALA A 524 0.56 17.77 6.76
N PRO A 525 -0.22 17.01 5.99
CA PRO A 525 0.34 16.10 4.98
C PRO A 525 1.14 16.86 3.93
N LEU A 526 2.36 16.40 3.66
CA LEU A 526 3.23 17.03 2.67
C LEU A 526 2.54 17.05 1.30
N SER A 527 1.90 15.94 0.96
CA SER A 527 1.21 15.80 -0.32
C SER A 527 0.18 16.90 -0.55
N ILE A 528 -0.63 17.15 0.47
CA ILE A 528 -1.67 18.17 0.38
C ILE A 528 -1.06 19.57 0.44
N ARG A 529 0.04 19.70 1.18
CA ARG A 529 0.77 20.95 1.26
C ARG A 529 1.31 21.36 -0.11
N LEU A 530 1.73 20.38 -0.90
CA LEU A 530 2.20 20.63 -2.25
C LEU A 530 1.05 21.06 -3.15
N VAL A 531 -0.12 20.49 -2.92
CA VAL A 531 -1.33 20.88 -3.64
C VAL A 531 -1.66 22.34 -3.34
N GLN A 532 -1.45 22.74 -2.10
CA GLN A 532 -1.71 24.11 -1.69
C GLN A 532 -0.71 25.10 -2.29
N CYS A 533 0.47 24.61 -2.67
CA CYS A 533 1.45 25.44 -3.36
C CYS A 533 0.92 25.89 -4.72
N VAL A 534 -0.08 25.17 -5.22
CA VAL A 534 -0.66 25.46 -6.52
C VAL A 534 -2.03 26.12 -6.38
N LEU A 535 -2.83 25.61 -5.46
CA LEU A 535 -4.23 26.04 -5.32
C LEU A 535 -4.45 27.19 -4.35
N GLN A 536 -3.69 27.18 -3.25
CA GLN A 536 -3.87 28.20 -2.21
C GLN A 536 -2.56 28.88 -1.86
N LYS A 537 -2.00 29.61 -2.83
CA LYS A 537 -0.71 30.27 -2.65
C LYS A 537 -0.75 31.37 -1.60
N GLN A 538 -1.83 32.15 -1.59
CA GLN A 538 -1.96 33.26 -0.65
C GLN A 538 -2.03 32.75 0.80
N TYR A 539 -2.89 31.76 1.04
CA TYR A 539 -3.02 31.19 2.36
C TYR A 539 -1.73 30.54 2.84
N LEU A 540 -1.09 29.79 1.94
CA LEU A 540 0.14 29.09 2.28
C LEU A 540 1.25 30.06 2.63
N LEU A 541 1.28 31.19 1.93
CA LEU A 541 2.20 32.27 2.25
C LEU A 541 1.79 32.92 3.57
N SER A 542 0.48 33.08 3.75
CA SER A 542 -0.07 33.74 4.93
C SER A 542 0.34 33.08 6.24
N ILE A 543 0.41 31.75 6.24
CA ILE A 543 0.81 31.02 7.44
C ILE A 543 2.32 30.98 7.60
N THR A 544 3.01 31.82 6.83
CA THR A 544 4.47 31.94 6.91
C THR A 544 4.93 33.38 6.67
N LYS A 545 4.19 34.12 5.84
CA LYS A 545 4.59 35.45 5.42
C LYS A 545 3.52 36.51 5.70
N GLY A 546 2.71 36.79 4.70
CA GLY A 546 1.77 37.89 4.73
C GLY A 546 2.00 38.80 3.55
N SER A 547 0.94 39.44 3.06
CA SER A 547 1.00 40.30 1.88
C SER A 547 1.47 39.55 0.63
N GLY A 548 1.05 38.30 0.50
CA GLY A 548 1.41 37.49 -0.65
C GLY A 548 0.19 36.96 -1.38
N GLY A 558 -1.65 41.65 -8.80
CA GLY A 558 -2.44 40.43 -8.86
C GLY A 558 -1.75 39.25 -8.22
N GLY A 559 -2.53 38.28 -7.77
CA GLY A 559 -2.00 37.09 -7.13
C GLY A 559 -2.98 35.94 -7.12
N GLY A 560 -2.74 34.96 -7.98
CA GLY A 560 -3.61 33.80 -8.08
C GLY A 560 -3.31 32.95 -9.29
N ALA A 561 -2.12 33.14 -9.87
CA ALA A 561 -1.71 32.38 -11.05
C ALA A 561 -1.50 30.91 -10.71
N GLN A 562 -1.45 30.07 -11.74
CA GLN A 562 -1.33 28.63 -11.54
C GLN A 562 0.14 28.19 -11.47
N GLY A 563 0.36 26.88 -11.55
CA GLY A 563 1.71 26.34 -11.53
C GLY A 563 2.32 26.31 -10.14
N TRP A 564 3.63 26.12 -10.09
CA TRP A 564 4.36 26.07 -8.82
C TRP A 564 4.98 27.41 -8.48
N LYS A 565 4.56 28.46 -9.19
CA LYS A 565 5.14 29.79 -9.03
C LYS A 565 5.03 30.32 -7.61
N GLY A 566 6.17 30.75 -7.05
CA GLY A 566 6.22 31.24 -5.69
C GLY A 566 6.80 30.21 -4.74
N PHE A 567 6.77 28.95 -5.15
CA PHE A 567 7.22 27.85 -4.29
C PHE A 567 8.20 26.91 -5.00
N GLU A 568 8.79 27.37 -6.10
CA GLU A 568 9.67 26.52 -6.89
C GLU A 568 10.92 26.09 -6.14
N GLU A 569 11.39 26.95 -5.22
CA GLU A 569 12.56 26.64 -4.42
C GLU A 569 12.23 25.54 -3.41
N ILE A 570 11.02 25.62 -2.85
CA ILE A 570 10.58 24.67 -1.84
C ILE A 570 10.30 23.28 -2.42
N VAL A 571 9.50 23.24 -3.48
CA VAL A 571 9.16 21.98 -4.16
C VAL A 571 10.42 21.27 -4.68
N LYS A 572 11.45 22.06 -4.98
CA LYS A 572 12.73 21.55 -5.44
C LYS A 572 13.32 20.54 -4.44
N HIS A 573 13.01 20.72 -3.16
CA HIS A 573 13.53 19.85 -2.12
C HIS A 573 12.67 18.60 -1.92
N ALA A 574 11.65 18.44 -2.77
CA ALA A 574 10.84 17.23 -2.75
C ALA A 574 11.26 16.28 -3.87
N ARG A 575 11.06 14.99 -3.64
CA ARG A 575 11.52 13.95 -4.57
C ARG A 575 10.84 14.05 -5.94
N GLY A 576 11.60 13.76 -6.99
CA GLY A 576 11.05 13.66 -8.33
C GLY A 576 11.03 14.95 -9.12
N PRO A 577 10.75 14.84 -10.43
CA PRO A 577 10.68 15.98 -11.34
C PRO A 577 9.53 16.92 -11.02
N THR A 578 9.77 18.22 -11.19
CA THR A 578 8.72 19.22 -11.05
C THR A 578 8.34 19.72 -12.43
N PHE A 579 7.05 19.69 -12.75
CA PHE A 579 6.61 20.11 -14.07
C PHE A 579 5.29 20.88 -14.07
N ASP A 580 5.08 21.64 -15.13
CA ASP A 580 3.89 22.47 -15.29
C ASP A 580 3.67 22.71 -16.79
N GLU A 581 2.98 21.77 -17.43
CA GLU A 581 2.82 21.81 -18.88
C GLU A 581 1.55 22.54 -19.32
N ILE A 582 1.71 23.40 -20.32
CA ILE A 582 0.58 24.12 -20.89
C ILE A 582 0.19 23.49 -22.23
N GLN A 583 -1.07 23.06 -22.32
CA GLN A 583 -1.57 22.47 -23.56
C GLN A 583 -2.45 23.43 -24.34
N LYS A 584 -2.05 23.70 -25.58
CA LYS A 584 -2.84 24.54 -26.47
C LYS A 584 -3.54 23.68 -27.53
N ASP A 602 -18.78 30.90 -15.21
CA ASP A 602 -18.97 30.07 -14.03
C ASP A 602 -17.69 29.35 -13.63
N LYS A 603 -17.71 28.75 -12.44
CA LYS A 603 -16.52 28.11 -11.88
C LYS A 603 -16.15 26.83 -12.63
N LYS A 604 -14.86 26.51 -12.60
CA LYS A 604 -14.34 25.33 -13.30
C LYS A 604 -13.91 24.25 -12.32
N THR A 605 -13.49 23.10 -12.85
CA THR A 605 -13.09 21.99 -12.00
C THR A 605 -11.60 21.70 -12.07
N VAL A 606 -11.02 21.36 -10.92
CA VAL A 606 -9.63 20.95 -10.83
C VAL A 606 -9.53 19.48 -10.43
N PHE A 607 -8.78 18.71 -11.20
CA PHE A 607 -8.57 17.30 -10.89
C PHE A 607 -7.27 17.09 -10.11
N VAL A 608 -7.41 16.68 -8.85
CA VAL A 608 -6.24 16.35 -8.05
C VAL A 608 -6.00 14.84 -8.09
N VAL A 609 -4.99 14.45 -8.87
CA VAL A 609 -4.75 13.03 -9.14
C VAL A 609 -3.58 12.49 -8.32
N PHE A 610 -3.80 11.35 -7.67
CA PHE A 610 -2.76 10.67 -6.91
C PHE A 610 -2.35 9.36 -7.61
N VAL A 611 -1.07 9.28 -7.97
CA VAL A 611 -0.54 8.06 -8.55
C VAL A 611 0.21 7.28 -7.47
N GLY A 612 -0.31 6.12 -7.12
CA GLY A 612 0.30 5.30 -6.10
C GLY A 612 -0.56 5.17 -4.86
N GLY A 613 -1.63 5.95 -4.80
CA GLY A 613 -2.59 5.83 -3.72
C GLY A 613 -2.83 7.09 -2.92
N ILE A 614 -4.03 7.20 -2.35
CA ILE A 614 -4.38 8.31 -1.49
C ILE A 614 -5.05 7.79 -0.22
N THR A 615 -4.79 8.45 0.91
CA THR A 615 -5.40 8.07 2.18
C THR A 615 -6.70 8.84 2.40
N PHE A 616 -7.48 8.40 3.37
CA PHE A 616 -8.72 9.09 3.71
C PHE A 616 -8.43 10.46 4.35
N THR A 617 -7.29 10.58 5.02
CA THR A 617 -6.89 11.84 5.63
C THR A 617 -6.58 12.88 4.56
N GLU A 618 -5.95 12.43 3.47
CA GLU A 618 -5.64 13.32 2.36
C GLU A 618 -6.92 13.71 1.63
N ILE A 619 -7.87 12.77 1.56
CA ILE A 619 -9.19 13.06 1.00
C ILE A 619 -9.91 14.08 1.87
N ALA A 620 -9.88 13.86 3.18
CA ALA A 620 -10.50 14.78 4.12
C ALA A 620 -9.85 16.16 4.06
N ALA A 621 -8.54 16.19 3.82
CA ALA A 621 -7.81 17.44 3.68
C ALA A 621 -8.23 18.17 2.41
N LEU A 622 -8.42 17.41 1.34
CA LEU A 622 -8.87 17.96 0.06
C LEU A 622 -10.29 18.49 0.14
N ARG A 623 -11.15 17.79 0.89
CA ARG A 623 -12.52 18.24 1.08
C ARG A 623 -12.58 19.53 1.89
N PHE A 624 -11.66 19.65 2.84
CA PHE A 624 -11.54 20.86 3.64
C PHE A 624 -11.20 22.03 2.74
N ILE A 625 -10.22 21.83 1.87
CA ILE A 625 -9.80 22.84 0.92
C ILE A 625 -10.90 23.12 -0.11
N ALA A 626 -11.58 22.06 -0.55
CA ALA A 626 -12.65 22.19 -1.54
C ALA A 626 -13.79 23.07 -1.03
N LYS A 627 -14.03 23.03 0.27
CA LYS A 627 -15.06 23.85 0.89
C LYS A 627 -14.67 25.33 0.85
N GLN A 628 -13.37 25.59 1.00
CA GLN A 628 -12.85 26.95 0.97
C GLN A 628 -12.86 27.54 -0.44
N GLU A 629 -12.68 26.66 -1.43
CA GLU A 629 -12.59 27.08 -2.83
C GLU A 629 -13.92 26.86 -3.55
N GLU A 630 -14.99 26.71 -2.78
CA GLU A 630 -16.29 26.31 -3.31
C GLU A 630 -16.89 27.29 -4.32
N ALA A 631 -16.60 28.57 -4.14
CA ALA A 631 -17.18 29.60 -4.99
C ALA A 631 -16.41 29.76 -6.31
N ARG A 632 -15.15 29.36 -6.30
CA ARG A 632 -14.29 29.56 -7.46
C ARG A 632 -13.86 28.27 -8.14
N ARG A 633 -13.87 27.16 -7.41
CA ARG A 633 -13.39 25.89 -7.94
C ARG A 633 -14.24 24.69 -7.53
N ASN A 634 -14.36 23.72 -8.42
CA ASN A 634 -14.88 22.40 -8.08
C ASN A 634 -13.71 21.43 -8.05
N ILE A 635 -13.61 20.66 -6.97
CA ILE A 635 -12.47 19.76 -6.82
C ILE A 635 -12.88 18.29 -6.86
N VAL A 636 -12.30 17.55 -7.80
CA VAL A 636 -12.55 16.12 -7.94
C VAL A 636 -11.26 15.34 -7.70
N ILE A 637 -11.32 14.36 -6.82
CA ILE A 637 -10.15 13.57 -6.46
C ILE A 637 -10.07 12.30 -7.30
N CYS A 638 -8.93 12.13 -7.97
CA CYS A 638 -8.68 10.94 -8.78
C CYS A 638 -7.50 10.17 -8.20
N THR A 639 -7.55 8.84 -8.25
CA THR A 639 -6.48 8.02 -7.71
C THR A 639 -6.47 6.62 -8.30
N THR A 640 -5.33 5.94 -8.16
CA THR A 640 -5.20 4.55 -8.59
C THR A 640 -5.89 3.62 -7.59
N SER A 641 -5.85 4.01 -6.32
CA SER A 641 -6.50 3.26 -5.26
C SER A 641 -6.51 4.07 -3.96
N ILE A 642 -7.28 3.61 -2.97
CA ILE A 642 -7.25 4.20 -1.65
C ILE A 642 -6.24 3.43 -0.78
N ILE A 643 -5.15 4.10 -0.43
CA ILE A 643 -4.03 3.44 0.23
C ILE A 643 -3.98 3.76 1.73
N ASN A 644 -3.28 2.91 2.48
CA ASN A 644 -2.98 3.18 3.88
C ASN A 644 -1.66 2.54 4.28
N GLY A 645 -1.22 2.77 5.52
CA GLY A 645 0.04 2.24 6.00
C GLY A 645 0.12 0.73 5.96
N ASN A 646 -0.96 0.06 6.32
CA ASN A 646 -0.99 -1.39 6.35
C ASN A 646 -0.96 -2.04 4.98
N ARG A 647 -1.62 -1.41 4.01
CA ARG A 647 -1.60 -1.90 2.63
C ARG A 647 -0.19 -1.82 2.05
N MSE A 648 0.56 -0.81 2.45
CA MSE A 648 1.93 -0.61 1.97
C MSE A 648 2.89 -1.66 2.51
O MSE A 648 3.72 -2.18 1.77
CB MSE A 648 2.43 0.79 2.33
CG MSE A 648 1.69 1.90 1.63
SE MSE A 648 2.47 3.66 1.89
CE MSE A 648 1.45 4.58 0.51
N MSE A 649 2.76 -1.97 3.79
CA MSE A 649 3.60 -2.98 4.41
C MSE A 649 3.29 -4.36 3.86
O MSE A 649 4.19 -5.17 3.66
CB MSE A 649 3.44 -2.95 5.94
CG MSE A 649 3.80 -1.61 6.58
SE MSE A 649 5.64 -1.03 6.25
CE MSE A 649 5.33 0.16 4.74
N ASN A 650 2.01 -4.63 3.61
CA ASN A 650 1.59 -5.90 3.05
C ASN A 650 2.11 -6.14 1.65
N ALA A 651 2.56 -5.07 0.99
CA ALA A 651 3.18 -5.18 -0.32
C ALA A 651 4.58 -5.75 -0.17
N ALA A 652 5.11 -5.72 1.04
CA ALA A 652 6.48 -6.14 1.30
C ALA A 652 6.55 -7.37 2.21
N ILE A 653 5.57 -7.51 3.10
CA ILE A 653 5.60 -8.56 4.11
C ILE A 653 5.47 -9.99 3.55
N GLU A 654 6.45 -10.83 3.86
CA GLU A 654 6.41 -12.24 3.51
C GLU A 654 5.46 -12.99 4.44
N THR A 655 4.58 -13.79 3.87
CA THR A 655 3.55 -14.48 4.66
C THR A 655 3.86 -15.94 4.98
N ALA A 656 4.69 -16.57 4.15
CA ALA A 656 5.15 -17.93 4.42
C ALA A 656 5.96 -17.92 5.72
N THR A 657 5.89 -18.99 6.50
CA THR A 657 6.39 -18.93 7.87
C THR A 657 7.13 -20.17 8.40
N PHE A 658 7.90 -20.84 7.55
CA PHE A 658 8.78 -21.93 8.00
C PHE A 658 8.07 -23.04 8.77
N GLU A 659 6.90 -23.45 8.29
CA GLU A 659 6.14 -24.51 8.98
C GLU A 659 5.73 -25.61 8.01
N ARG B 19 19.58 0.21 -43.50
CA ARG B 19 19.90 1.20 -42.48
C ARG B 19 18.92 2.37 -42.51
N LEU B 20 18.38 2.64 -43.70
CA LEU B 20 17.45 3.75 -43.87
C LEU B 20 16.05 3.42 -43.36
N ALA B 21 15.59 2.21 -43.63
CA ALA B 21 14.23 1.79 -43.28
C ALA B 21 13.93 1.85 -41.78
N THR B 22 14.97 1.78 -40.96
CA THR B 22 14.81 1.84 -39.52
C THR B 22 14.73 3.29 -39.05
N GLU B 23 15.38 4.18 -39.79
CA GLU B 23 15.49 5.58 -39.42
C GLU B 23 14.18 6.33 -39.62
N LEU B 24 13.43 5.97 -40.66
CA LEU B 24 12.20 6.68 -41.01
C LEU B 24 11.06 6.44 -40.03
N LEU B 25 11.12 5.33 -39.30
CA LEU B 25 10.06 4.97 -38.35
C LEU B 25 10.29 5.60 -36.98
N ASN B 26 11.42 6.26 -36.79
CA ASN B 26 11.83 6.73 -35.47
C ASN B 26 11.07 7.97 -34.96
N HIS B 27 10.06 8.41 -35.70
CA HIS B 27 9.27 9.57 -35.26
C HIS B 27 7.84 9.63 -35.78
N GLU B 28 7.33 8.48 -36.25
CA GLU B 28 5.93 8.36 -36.69
C GLU B 28 5.58 6.91 -36.97
N PRO B 29 4.30 6.54 -36.83
CA PRO B 29 3.18 7.36 -36.31
C PRO B 29 2.74 6.88 -34.94
N ARG B 30 1.76 5.99 -34.91
CA ARG B 30 1.28 5.38 -33.68
C ARG B 30 2.42 4.61 -33.02
N ALA B 31 2.94 5.13 -31.91
CA ALA B 31 4.03 4.47 -31.21
C ALA B 31 3.56 3.16 -30.57
N GLY B 32 3.16 2.22 -31.42
CA GLY B 32 2.65 0.94 -30.98
C GLY B 32 2.60 -0.04 -32.13
N ARG B 33 2.66 0.49 -33.35
CA ARG B 33 2.71 -0.34 -34.54
C ARG B 33 4.02 -0.17 -35.30
N GLN B 34 4.95 0.57 -34.68
CA GLN B 34 6.30 0.66 -35.20
C GLN B 34 7.15 -0.45 -34.58
N VAL B 35 6.71 -0.92 -33.42
CA VAL B 35 7.41 -2.00 -32.71
C VAL B 35 7.35 -3.38 -33.41
N PRO B 36 6.16 -3.77 -33.95
CA PRO B 36 6.18 -5.03 -34.71
C PRO B 36 7.04 -4.93 -35.97
N LEU B 37 7.04 -3.74 -36.58
CA LEU B 37 7.85 -3.52 -37.78
C LEU B 37 9.34 -3.55 -37.46
N LEU B 38 9.72 -2.92 -36.36
CA LEU B 38 11.10 -2.94 -35.90
C LEU B 38 11.53 -4.35 -35.50
N LEU B 39 10.57 -5.12 -35.00
CA LEU B 39 10.85 -6.47 -34.51
C LEU B 39 11.14 -7.43 -35.65
N SER B 40 10.41 -7.28 -36.76
CA SER B 40 10.59 -8.14 -37.92
C SER B 40 11.91 -7.85 -38.63
N MSE B 41 12.38 -6.61 -38.51
CA MSE B 41 13.65 -6.20 -39.10
C MSE B 41 14.83 -6.59 -38.20
O MSE B 41 15.95 -6.15 -38.42
CB MSE B 41 13.68 -4.69 -39.34
CG MSE B 41 12.62 -4.18 -40.30
SE MSE B 41 12.86 -2.30 -40.72
CE MSE B 41 12.85 -1.58 -38.91
N GLU B 42 14.54 -7.41 -37.19
CA GLU B 42 15.53 -7.84 -36.20
C GLU B 42 16.13 -6.66 -35.44
N GLU B 43 15.46 -5.52 -35.49
CA GLU B 43 15.90 -4.34 -34.75
C GLU B 43 15.41 -4.41 -33.31
N ASP B 44 16.00 -5.34 -32.55
CA ASP B 44 15.67 -5.48 -31.13
C ASP B 44 16.16 -4.27 -30.36
N GLU B 45 15.91 -4.25 -29.06
CA GLU B 45 16.23 -3.11 -28.20
C GLU B 45 15.45 -1.84 -28.61
N LEU B 46 15.64 -1.43 -29.86
CA LEU B 46 14.90 -0.30 -30.42
C LEU B 46 13.40 -0.57 -30.35
N ALA B 47 13.01 -1.81 -30.61
CA ALA B 47 11.62 -2.22 -30.50
C ALA B 47 11.20 -2.25 -29.04
N LEU B 48 12.12 -2.68 -28.17
CA LEU B 48 11.85 -2.74 -26.74
C LEU B 48 11.81 -1.34 -26.13
N ASP B 49 12.70 -0.47 -26.58
CA ASP B 49 12.74 0.91 -26.11
C ASP B 49 11.46 1.64 -26.48
N LYS B 50 10.96 1.37 -27.68
CA LYS B 50 9.73 1.99 -28.17
C LYS B 50 8.52 1.47 -27.39
N ALA B 51 8.56 0.20 -27.03
CA ALA B 51 7.48 -0.40 -26.25
C ALA B 51 7.46 0.16 -24.84
N ILE B 52 8.64 0.37 -24.26
CA ILE B 52 8.77 0.93 -22.93
C ILE B 52 8.29 2.38 -22.89
N GLU B 53 8.74 3.17 -23.86
CA GLU B 53 8.35 4.57 -23.95
C GLU B 53 6.86 4.75 -24.22
N SER B 54 6.22 3.70 -24.73
CA SER B 54 4.79 3.74 -25.00
C SER B 54 3.99 3.56 -23.72
N GLY B 55 4.63 2.94 -22.71
CA GLY B 55 3.98 2.70 -21.44
C GLY B 55 2.96 1.58 -21.49
N ASP B 56 2.83 0.94 -22.65
CA ASP B 56 1.86 -0.12 -22.84
C ASP B 56 2.43 -1.46 -22.36
N THR B 57 1.87 -1.97 -21.28
CA THR B 57 2.28 -3.26 -20.71
C THR B 57 2.17 -4.38 -21.73
N ASP B 58 1.07 -4.39 -22.48
CA ASP B 58 0.80 -5.42 -23.46
C ASP B 58 1.88 -5.45 -24.55
N LEU B 59 2.38 -4.28 -24.92
CA LEU B 59 3.42 -4.17 -25.94
C LEU B 59 4.77 -4.64 -25.41
N ILE B 60 5.07 -4.26 -24.17
CA ILE B 60 6.34 -4.63 -23.53
C ILE B 60 6.46 -6.15 -23.41
N TYR B 61 5.36 -6.80 -23.06
CA TYR B 61 5.33 -8.27 -22.97
C TYR B 61 5.58 -8.90 -24.34
N PHE B 62 4.92 -8.36 -25.36
CA PHE B 62 5.01 -8.90 -26.72
C PHE B 62 6.44 -8.90 -27.22
N VAL B 63 7.19 -7.85 -26.91
CA VAL B 63 8.59 -7.76 -27.31
C VAL B 63 9.43 -8.74 -26.49
N ILE B 64 9.20 -8.77 -25.19
CA ILE B 64 9.92 -9.67 -24.28
C ILE B 64 9.71 -11.13 -24.65
N HIS B 65 8.46 -11.50 -24.90
CA HIS B 65 8.12 -12.86 -25.28
C HIS B 65 8.76 -13.24 -26.61
N GLN B 66 8.88 -12.26 -27.49
CA GLN B 66 9.52 -12.46 -28.79
C GLN B 66 11.02 -12.66 -28.63
N LEU B 67 11.65 -11.81 -27.82
CA LEU B 67 13.08 -11.86 -27.61
C LEU B 67 13.47 -13.08 -26.77
N ARG B 68 12.54 -13.54 -25.95
CA ARG B 68 12.76 -14.71 -25.09
C ARG B 68 12.95 -15.97 -25.91
N ARG B 69 12.19 -16.08 -26.99
CA ARG B 69 12.20 -17.28 -27.83
C ARG B 69 13.22 -17.20 -28.96
N LYS B 70 13.64 -15.98 -29.30
CA LYS B 70 14.55 -15.78 -30.42
C LYS B 70 16.01 -15.68 -29.96
N LEU B 71 16.24 -14.91 -28.89
CA LEU B 71 17.60 -14.69 -28.39
C LEU B 71 17.99 -15.75 -27.36
N PRO B 72 19.30 -16.03 -27.27
CA PRO B 72 19.80 -16.89 -26.19
C PRO B 72 19.57 -16.21 -24.86
N LEU B 73 19.44 -16.97 -23.78
CA LEU B 73 19.16 -16.42 -22.45
C LEU B 73 20.17 -15.35 -22.05
N ALA B 74 21.43 -15.55 -22.42
CA ALA B 74 22.48 -14.60 -22.10
C ALA B 74 22.24 -13.27 -22.79
N SER B 75 22.05 -13.31 -24.11
CA SER B 75 21.75 -12.11 -24.88
C SER B 75 20.46 -11.47 -24.42
N PHE B 76 19.48 -12.31 -24.08
CA PHE B 76 18.18 -11.85 -23.60
C PHE B 76 18.32 -11.06 -22.30
N PHE B 77 19.16 -11.56 -21.40
CA PHE B 77 19.38 -10.91 -20.12
C PHE B 77 20.02 -9.53 -20.26
N ARG B 78 21.06 -9.44 -21.11
CA ARG B 78 21.79 -8.19 -21.30
C ARG B 78 20.89 -7.07 -21.78
N VAL B 79 20.09 -7.35 -22.81
CA VAL B 79 19.14 -6.38 -23.35
C VAL B 79 18.14 -5.97 -22.27
N VAL B 80 17.63 -6.96 -21.56
CA VAL B 80 16.61 -6.74 -20.55
C VAL B 80 17.17 -6.05 -19.29
N SER B 81 18.41 -6.35 -18.94
CA SER B 81 19.02 -5.79 -17.74
C SER B 81 19.31 -4.29 -17.88
N SER B 82 19.57 -3.85 -19.10
CA SER B 82 19.87 -2.44 -19.36
C SER B 82 18.63 -1.58 -19.22
N ARG B 83 17.45 -2.21 -19.28
CA ARG B 83 16.18 -1.51 -19.18
C ARG B 83 15.38 -2.00 -17.97
N PRO B 84 15.42 -1.22 -16.88
CA PRO B 84 14.80 -1.55 -15.59
C PRO B 84 13.34 -1.98 -15.71
N THR B 85 12.59 -1.37 -16.61
CA THR B 85 11.18 -1.71 -16.79
C THR B 85 11.03 -3.09 -17.41
N ALA B 86 11.84 -3.38 -18.42
CA ALA B 86 11.83 -4.69 -19.06
C ALA B 86 12.35 -5.76 -18.10
N SER B 87 13.35 -5.38 -17.30
CA SER B 87 13.93 -6.29 -16.33
C SER B 87 12.91 -6.66 -15.24
N ALA B 88 12.05 -5.70 -14.91
CA ALA B 88 11.04 -5.90 -13.89
C ALA B 88 9.97 -6.90 -14.33
N MSE B 89 9.58 -6.82 -15.59
CA MSE B 89 8.52 -7.69 -16.11
C MSE B 89 8.96 -9.14 -16.21
O MSE B 89 8.21 -10.05 -15.84
CB MSE B 89 8.00 -7.19 -17.46
CG MSE B 89 6.83 -8.01 -17.97
SE MSE B 89 5.71 -7.06 -19.25
CE MSE B 89 4.05 -8.03 -18.93
N VAL B 90 10.17 -9.36 -16.72
CA VAL B 90 10.74 -10.69 -16.79
C VAL B 90 10.83 -11.28 -15.38
N GLU B 91 11.24 -10.43 -14.44
CA GLU B 91 11.36 -10.80 -13.05
C GLU B 91 9.99 -11.11 -12.44
N ALA B 92 8.97 -10.38 -12.89
CA ALA B 92 7.62 -10.55 -12.38
C ALA B 92 6.96 -11.81 -12.94
N LEU B 93 7.18 -12.08 -14.22
CA LEU B 93 6.59 -13.24 -14.88
C LEU B 93 7.13 -14.56 -14.33
N ALA B 94 8.40 -14.55 -13.93
CA ALA B 94 9.03 -15.76 -13.42
C ALA B 94 8.54 -16.12 -12.03
N ARG B 95 8.16 -15.12 -11.25
CA ARG B 95 7.68 -15.36 -9.89
C ARG B 95 6.26 -15.92 -9.88
N ASN B 96 5.64 -15.95 -11.05
CA ASN B 96 4.29 -16.50 -11.18
C ASN B 96 4.11 -17.16 -12.53
N ASP B 104 11.59 -20.85 -14.29
CA ASP B 104 11.17 -19.61 -13.66
C ASP B 104 12.00 -19.30 -12.43
N THR B 105 12.29 -20.33 -11.64
CA THR B 105 13.14 -20.17 -10.46
C THR B 105 14.60 -20.18 -10.85
N ALA B 106 14.96 -21.10 -11.74
CA ALA B 106 16.32 -21.15 -12.27
C ALA B 106 16.59 -19.93 -13.14
N LEU B 107 15.54 -19.42 -13.77
CA LEU B 107 15.62 -18.22 -14.58
C LEU B 107 15.95 -17.01 -13.71
N LEU B 108 15.29 -16.94 -12.55
CA LEU B 108 15.50 -15.85 -11.61
C LEU B 108 16.93 -15.82 -11.09
N LYS B 109 17.44 -16.99 -10.70
CA LYS B 109 18.80 -17.11 -10.20
C LYS B 109 19.82 -16.71 -11.26
N ASP B 110 19.60 -17.17 -12.48
CA ASP B 110 20.49 -16.84 -13.60
C ASP B 110 20.50 -15.34 -13.87
N LEU B 111 19.31 -14.73 -13.84
CA LEU B 111 19.18 -13.29 -14.09
C LEU B 111 19.96 -12.50 -13.04
N TYR B 112 19.72 -12.83 -11.77
CA TYR B 112 20.34 -12.11 -10.66
C TYR B 112 21.86 -12.30 -10.63
N TYR B 113 22.31 -13.51 -10.91
CA TYR B 113 23.74 -13.83 -10.86
C TYR B 113 24.52 -13.07 -11.92
N GLN B 114 24.00 -13.06 -13.14
CA GLN B 114 24.68 -12.40 -14.26
C GLN B 114 24.63 -10.88 -14.14
N ASP B 115 23.63 -10.38 -13.41
CA ASP B 115 23.52 -8.95 -13.18
C ASP B 115 24.11 -8.60 -11.81
N ASP B 116 24.79 -9.58 -11.21
CA ASP B 116 25.48 -9.42 -9.93
C ASP B 116 24.55 -8.97 -8.80
N ARG B 117 23.28 -9.34 -8.90
CA ARG B 117 22.30 -9.00 -7.87
C ARG B 117 22.20 -10.15 -6.86
N ARG B 118 23.19 -10.23 -5.96
CA ARG B 118 23.31 -11.37 -5.06
C ARG B 118 22.29 -11.39 -3.93
N LEU B 119 21.78 -10.22 -3.54
CA LEU B 119 20.73 -10.16 -2.52
C LEU B 119 19.40 -10.67 -3.06
N ASP B 120 19.14 -10.39 -4.34
CA ASP B 120 17.93 -10.88 -4.98
C ASP B 120 17.99 -12.39 -5.19
N GLY B 121 19.17 -12.88 -5.55
CA GLY B 121 19.37 -14.29 -5.76
C GLY B 121 19.27 -15.08 -4.47
N ALA B 122 19.75 -14.48 -3.37
CA ALA B 122 19.68 -15.11 -2.07
C ALA B 122 18.23 -15.18 -1.59
N SER B 123 17.43 -14.22 -2.02
CA SER B 123 16.02 -14.17 -1.62
C SER B 123 15.23 -15.31 -2.25
N VAL B 124 15.68 -15.77 -3.41
CA VAL B 124 15.04 -16.89 -4.10
C VAL B 124 15.23 -18.18 -3.32
N PHE B 125 16.43 -18.38 -2.79
CA PHE B 125 16.74 -19.57 -2.00
C PHE B 125 16.01 -19.55 -0.66
N ILE B 126 15.91 -18.37 -0.05
CA ILE B 126 15.17 -18.23 1.20
C ILE B 126 13.69 -18.52 0.96
N ARG B 127 13.20 -18.06 -0.18
CA ARG B 127 11.81 -18.26 -0.56
C ARG B 127 11.53 -19.75 -0.82
N GLU B 128 12.57 -20.47 -1.21
CA GLU B 128 12.47 -21.91 -1.42
C GLU B 128 12.49 -22.66 -0.09
N ALA B 129 13.22 -22.11 0.88
CA ALA B 129 13.32 -22.71 2.20
C ALA B 129 11.98 -22.71 2.92
N LEU B 130 11.17 -21.68 2.64
CA LEU B 130 9.86 -21.54 3.26
C LEU B 130 8.86 -22.55 2.70
N GLN B 131 9.27 -23.25 1.65
CA GLN B 131 8.39 -24.19 0.96
C GLN B 131 8.83 -25.64 1.18
N GLN B 132 9.98 -25.82 1.82
CA GLN B 132 10.48 -27.16 2.10
C GLN B 132 9.65 -27.82 3.20
N PRO B 133 9.31 -29.11 3.00
CA PRO B 133 8.47 -29.86 3.93
C PRO B 133 9.19 -30.21 5.24
N GLU B 134 10.52 -30.14 5.23
CA GLU B 134 11.29 -30.47 6.42
C GLU B 134 12.39 -29.43 6.66
N THR B 135 12.70 -29.20 7.93
CA THR B 135 13.69 -28.19 8.31
C THR B 135 15.08 -28.54 7.82
N ARG B 136 15.35 -29.82 7.65
CA ARG B 136 16.64 -30.28 7.13
C ARG B 136 16.82 -29.76 5.71
N THR B 137 15.82 -29.96 4.87
CA THR B 137 15.86 -29.48 3.50
C THR B 137 15.72 -27.95 3.45
N ALA B 138 15.01 -27.40 4.42
CA ALA B 138 14.81 -25.96 4.50
C ALA B 138 16.12 -25.24 4.82
N SER B 139 16.86 -25.79 5.79
CA SER B 139 18.14 -25.20 6.19
C SER B 139 19.20 -25.35 5.10
N ASP B 140 19.03 -26.38 4.26
CA ASP B 140 19.93 -26.58 3.13
C ASP B 140 19.75 -25.45 2.11
N LYS B 141 18.51 -24.98 1.97
CA LYS B 141 18.21 -23.88 1.08
C LYS B 141 18.76 -22.57 1.63
N LEU B 142 18.71 -22.42 2.95
CA LEU B 142 19.27 -21.25 3.61
C LEU B 142 20.79 -21.22 3.47
N ASP B 143 21.40 -22.41 3.48
CA ASP B 143 22.83 -22.53 3.28
C ASP B 143 23.23 -22.10 1.88
N LEU B 144 22.39 -22.41 0.90
CA LEU B 144 22.63 -21.99 -0.47
C LEU B 144 22.53 -20.48 -0.60
N ALA B 145 21.64 -19.88 0.20
CA ALA B 145 21.49 -18.44 0.22
C ALA B 145 22.73 -17.77 0.82
N ALA B 146 23.27 -18.39 1.87
CA ALA B 146 24.45 -17.85 2.54
C ALA B 146 25.67 -17.94 1.63
N ASN B 147 25.73 -18.97 0.80
CA ASN B 147 26.82 -19.13 -0.16
C ASN B 147 26.89 -17.98 -1.15
N LEU B 148 25.73 -17.52 -1.57
CA LEU B 148 25.64 -16.43 -2.54
C LEU B 148 26.13 -15.11 -1.95
N LEU B 149 25.83 -14.90 -0.67
CA LEU B 149 26.18 -13.66 0.01
C LEU B 149 27.66 -13.61 0.37
N GLN B 150 28.33 -14.75 0.33
CA GLN B 150 29.76 -14.81 0.51
C GLN B 150 30.45 -14.57 -0.83
N GLY B 151 31.62 -13.95 -0.79
CA GLY B 151 32.27 -13.47 -1.99
C GLY B 151 31.78 -12.06 -2.26
N ASN B 152 32.68 -11.18 -2.65
CA ASN B 152 32.40 -9.74 -2.73
C ASN B 152 31.96 -9.20 -1.36
N GLN B 153 30.79 -9.64 -0.91
CA GLN B 153 30.35 -9.43 0.47
C GLN B 153 30.30 -7.96 0.87
N LYS B 154 29.80 -7.12 -0.04
CA LYS B 154 29.67 -5.70 0.23
C LYS B 154 28.64 -5.47 1.33
N GLU B 155 29.08 -5.56 2.57
CA GLU B 155 28.21 -5.41 3.74
C GLU B 155 27.08 -6.43 3.73
N HIS B 156 27.45 -7.71 3.83
CA HIS B 156 26.47 -8.80 3.90
C HIS B 156 26.65 -9.56 5.20
N VAL B 157 27.32 -8.93 6.16
CA VAL B 157 27.62 -9.55 7.45
C VAL B 157 26.35 -9.92 8.21
N PHE B 158 25.39 -9.01 8.23
CA PHE B 158 24.14 -9.23 8.95
C PHE B 158 23.34 -10.40 8.40
N GLU B 159 23.19 -10.44 7.08
CA GLU B 159 22.41 -11.49 6.44
C GLU B 159 23.03 -12.87 6.64
N LEU B 160 24.35 -12.93 6.69
CA LEU B 160 25.05 -14.19 6.90
C LEU B 160 24.86 -14.68 8.34
N GLY B 161 24.78 -13.75 9.28
CA GLY B 161 24.52 -14.09 10.66
C GLY B 161 23.07 -14.44 10.90
N ALA B 162 22.19 -13.80 10.12
CA ALA B 162 20.75 -14.04 10.22
C ALA B 162 20.41 -15.44 9.74
N LEU B 163 20.97 -15.82 8.59
CA LEU B 163 20.75 -17.17 8.05
C LEU B 163 21.37 -18.22 8.97
N LYS B 164 22.41 -17.83 9.69
CA LYS B 164 23.03 -18.71 10.68
C LYS B 164 22.09 -18.93 11.85
N GLU B 165 21.46 -17.85 12.32
CA GLU B 165 20.49 -17.93 13.42
C GLU B 165 19.28 -18.75 13.02
N ALA B 166 18.80 -18.55 11.79
CA ALA B 166 17.63 -19.25 11.29
C ALA B 166 17.86 -20.76 11.28
N LYS B 167 19.04 -21.18 10.83
CA LYS B 167 19.41 -22.59 10.80
C LYS B 167 19.57 -23.11 12.22
N MSE B 168 20.04 -22.24 13.10
CA MSE B 168 20.22 -22.57 14.51
C MSE B 168 18.89 -22.73 15.22
O MSE B 168 18.71 -23.64 16.04
CB MSE B 168 21.03 -21.47 15.20
CG MSE B 168 22.34 -21.93 15.84
SE MSE B 168 22.07 -23.00 17.44
CE MSE B 168 23.92 -23.13 18.02
N LEU B 169 17.94 -21.85 14.90
CA LEU B 169 16.67 -21.79 15.62
C LEU B 169 15.79 -23.02 15.42
N LEU B 170 15.46 -23.34 14.17
CA LEU B 170 14.56 -24.45 13.88
C LEU B 170 15.18 -25.81 14.20
N ARG B 171 16.50 -25.83 14.37
CA ARG B 171 17.20 -27.05 14.77
C ARG B 171 16.98 -27.31 16.26
N MSE B 172 16.91 -26.23 17.03
CA MSE B 172 16.63 -26.33 18.45
C MSE B 172 15.15 -26.56 18.70
O MSE B 172 14.76 -27.27 19.62
CB MSE B 172 17.08 -25.06 19.18
CG MSE B 172 18.57 -24.78 19.11
SE MSE B 172 19.10 -23.26 20.21
CE MSE B 172 18.69 -24.01 21.97
N GLN B 173 14.31 -25.94 17.86
CA GLN B 173 12.87 -26.10 17.97
C GLN B 173 12.44 -27.53 17.64
N GLU B 174 13.22 -28.20 16.81
CA GLU B 174 12.96 -29.59 16.45
C GLU B 174 13.18 -30.49 17.65
N THR B 175 14.16 -30.14 18.46
CA THR B 175 14.46 -30.88 19.69
C THR B 175 13.31 -30.75 20.67
N PHE B 176 12.74 -29.55 20.75
CA PHE B 176 11.63 -29.27 21.65
C PHE B 176 10.40 -30.10 21.29
N GLU B 177 10.12 -30.20 20.00
CA GLU B 177 8.96 -30.96 19.53
C GLU B 177 9.14 -32.44 19.80
N ARG B 178 10.38 -32.90 19.76
CA ARG B 178 10.69 -34.31 20.04
C ARG B 178 10.52 -34.59 21.52
N ASP B 179 10.90 -33.62 22.36
CA ASP B 179 10.83 -33.79 23.81
C ASP B 179 9.46 -33.44 24.38
N LEU B 180 8.97 -32.24 24.04
CA LEU B 180 7.77 -31.70 24.68
C LEU B 180 6.48 -32.10 23.97
N THR B 181 6.62 -32.70 22.80
CA THR B 181 5.49 -33.16 22.00
C THR B 181 4.50 -32.02 21.69
N ASP B 182 5.04 -30.84 21.46
CA ASP B 182 4.23 -29.67 21.12
C ASP B 182 4.84 -29.00 19.89
N SER B 183 4.16 -27.97 19.37
CA SER B 183 4.63 -27.29 18.17
C SER B 183 5.56 -26.11 18.48
N PHE B 184 6.69 -26.06 17.80
CA PHE B 184 7.66 -24.99 18.01
C PHE B 184 8.33 -24.52 16.72
N VAL B 185 8.47 -25.43 15.76
CA VAL B 185 9.11 -25.11 14.49
C VAL B 185 8.33 -24.08 13.69
N GLY B 186 8.96 -22.94 13.42
CA GLY B 186 8.33 -21.88 12.65
C GLY B 186 8.18 -20.59 13.42
N LEU B 187 8.13 -20.70 14.75
CA LEU B 187 7.99 -19.53 15.59
C LEU B 187 9.28 -18.70 15.58
N SER B 188 9.14 -17.42 15.90
CA SER B 188 10.31 -16.55 16.04
C SER B 188 11.00 -16.86 17.36
N VAL B 189 12.16 -16.24 17.58
CA VAL B 189 12.90 -16.42 18.81
C VAL B 189 12.07 -15.95 20.01
N ASN B 190 11.44 -14.79 19.86
CA ASN B 190 10.59 -14.23 20.91
C ASN B 190 9.35 -15.09 21.17
N GLN B 191 8.74 -15.58 20.10
CA GLN B 191 7.57 -16.44 20.23
C GLN B 191 7.92 -17.78 20.87
N THR B 192 9.14 -18.24 20.59
CA THR B 192 9.62 -19.50 21.17
C THR B 192 9.87 -19.34 22.67
N MSE B 193 10.44 -18.20 23.05
CA MSE B 193 10.64 -17.89 24.47
C MSE B 193 9.30 -17.79 25.18
O MSE B 193 9.14 -18.32 26.27
CB MSE B 193 11.40 -16.57 24.63
CG MSE B 193 12.88 -16.65 24.29
SE MSE B 193 13.78 -14.95 24.67
CE MSE B 193 13.31 -14.79 26.57
N PHE B 194 8.35 -17.09 24.55
CA PHE B 194 7.04 -16.87 25.14
C PHE B 194 6.32 -18.17 25.45
N LYS B 195 6.28 -19.07 24.46
CA LYS B 195 5.60 -20.35 24.63
C LYS B 195 6.31 -21.23 25.64
N LEU B 196 7.64 -21.11 25.69
CA LEU B 196 8.45 -21.89 26.62
C LEU B 196 8.21 -21.46 28.07
N ILE B 197 8.11 -20.15 28.28
CA ILE B 197 7.87 -19.61 29.62
C ILE B 197 6.44 -19.87 30.07
N LYS B 198 5.49 -19.72 29.16
CA LYS B 198 4.08 -19.95 29.47
C LYS B 198 3.82 -21.39 29.88
N LEU B 199 4.56 -22.31 29.27
CA LEU B 199 4.47 -23.72 29.63
C LEU B 199 5.35 -24.03 30.84
N GLY B 200 5.97 -22.99 31.39
CA GLY B 200 6.77 -23.11 32.59
C GLY B 200 8.06 -23.88 32.39
N TYR B 201 8.53 -23.97 31.15
CA TYR B 201 9.74 -24.75 30.87
C TYR B 201 11.04 -24.00 31.16
N HIS B 202 11.16 -23.57 32.42
CA HIS B 202 12.41 -23.09 33.03
C HIS B 202 13.42 -22.37 32.11
N GLY B 203 14.68 -22.77 32.22
CA GLY B 203 15.76 -22.14 31.49
C GLY B 203 15.89 -22.56 30.04
N ARG B 204 14.96 -23.39 29.57
CA ARG B 204 14.90 -23.74 28.16
C ARG B 204 14.67 -22.47 27.35
N ALA B 205 13.88 -21.56 27.91
CA ALA B 205 13.66 -20.26 27.31
C ALA B 205 14.89 -19.37 27.52
N LYS B 206 15.57 -19.59 28.63
CA LYS B 206 16.79 -18.84 28.93
C LYS B 206 17.92 -19.33 28.04
N LYS B 207 17.84 -20.61 27.66
CA LYS B 207 18.81 -21.20 26.74
C LYS B 207 18.64 -20.61 25.34
N ILE B 208 17.39 -20.47 24.92
CA ILE B 208 17.07 -19.81 23.66
C ILE B 208 17.50 -18.35 23.71
N GLN B 209 17.18 -17.70 24.83
CA GLN B 209 17.54 -16.30 25.03
C GLN B 209 19.06 -16.10 24.98
N SER B 210 19.79 -16.98 25.64
CA SER B 210 21.24 -16.89 25.70
C SER B 210 21.88 -17.13 24.33
N GLU B 211 21.31 -18.08 23.58
CA GLU B 211 21.88 -18.50 22.31
C GLU B 211 21.71 -17.45 21.22
N PHE B 212 20.64 -16.67 21.31
CA PHE B 212 20.34 -15.68 20.28
C PHE B 212 20.57 -14.25 20.75
N LYS B 213 21.13 -14.11 21.95
CA LYS B 213 21.53 -12.81 22.49
C LYS B 213 20.38 -11.80 22.56
N VAL B 214 19.22 -12.27 23.01
CA VAL B 214 18.05 -11.40 23.17
C VAL B 214 18.30 -10.40 24.29
N PRO B 215 18.11 -9.09 23.99
CA PRO B 215 18.33 -8.00 24.94
C PRO B 215 17.57 -8.18 26.25
N GLU B 216 18.04 -7.53 27.31
CA GLU B 216 17.45 -7.67 28.63
C GLU B 216 16.05 -7.07 28.71
N ARG B 217 15.85 -5.95 28.03
CA ARG B 217 14.55 -5.27 28.05
C ARG B 217 13.51 -6.07 27.28
N VAL B 218 13.94 -6.76 26.23
CA VAL B 218 13.04 -7.58 25.43
C VAL B 218 12.64 -8.85 26.18
N ALA B 219 13.63 -9.54 26.75
CA ALA B 219 13.40 -10.80 27.43
C ALA B 219 12.48 -10.66 28.65
N TRP B 220 12.58 -9.53 29.34
CA TRP B 220 11.77 -9.31 30.54
C TRP B 220 10.34 -8.91 30.23
N TRP B 221 10.13 -8.30 29.06
CA TRP B 221 8.78 -7.98 28.62
C TRP B 221 8.06 -9.28 28.22
N ILE B 222 8.77 -10.14 27.52
CA ILE B 222 8.23 -11.43 27.11
C ILE B 222 7.89 -12.28 28.32
N ARG B 223 8.81 -12.33 29.28
CA ARG B 223 8.63 -13.09 30.51
C ARG B 223 7.45 -12.55 31.32
N LEU B 224 7.31 -11.23 31.35
CA LEU B 224 6.21 -10.59 32.06
C LEU B 224 4.87 -10.95 31.43
N GLN B 225 4.79 -10.84 30.10
CA GLN B 225 3.57 -11.14 29.38
C GLN B 225 3.19 -12.62 29.48
N ALA B 226 4.20 -13.49 29.47
CA ALA B 226 3.97 -14.93 29.53
C ALA B 226 3.44 -15.36 30.90
N LEU B 227 4.04 -14.83 31.96
CA LEU B 227 3.64 -15.18 33.32
C LEU B 227 2.26 -14.64 33.67
N VAL B 228 1.91 -13.49 33.09
CA VAL B 228 0.59 -12.91 33.28
C VAL B 228 -0.48 -13.75 32.59
N ALA B 229 -0.18 -14.18 31.37
CA ALA B 229 -1.08 -15.04 30.62
C ALA B 229 -1.12 -16.45 31.20
N LYS B 230 -0.22 -16.72 32.14
CA LYS B 230 -0.17 -18.00 32.83
C LYS B 230 -0.76 -17.87 34.23
N ARG B 231 -0.91 -16.61 34.66
CA ARG B 231 -1.37 -16.30 36.02
C ARG B 231 -0.44 -16.89 37.08
N ASP B 232 0.84 -17.01 36.72
CA ASP B 232 1.87 -17.50 37.63
C ASP B 232 2.30 -16.37 38.56
N TRP B 233 1.47 -16.09 39.55
CA TRP B 233 1.71 -14.96 40.45
C TRP B 233 2.74 -15.28 41.52
N ASN B 234 3.10 -16.55 41.64
CA ASN B 234 4.18 -16.95 42.53
C ASN B 234 5.54 -16.57 41.93
N GLU B 235 5.67 -16.75 40.62
CA GLU B 235 6.89 -16.39 39.92
C GLU B 235 7.04 -14.88 39.81
N ILE B 236 5.92 -14.20 39.56
CA ILE B 236 5.92 -12.75 39.47
C ILE B 236 6.30 -12.12 40.81
N GLU B 237 5.74 -12.64 41.88
CA GLU B 237 6.05 -12.17 43.23
C GLU B 237 7.52 -12.45 43.56
N GLU B 238 8.01 -13.59 43.07
CA GLU B 238 9.40 -13.96 43.27
C GLU B 238 10.32 -13.01 42.51
N ILE B 239 9.87 -12.57 41.35
CA ILE B 239 10.62 -11.62 40.53
C ILE B 239 10.61 -10.23 41.17
N SER B 240 9.50 -9.90 41.85
CA SER B 240 9.39 -8.62 42.55
C SER B 240 10.35 -8.57 43.73
N ARG B 241 10.88 -9.72 44.10
CA ARG B 241 11.72 -9.86 45.29
C ARG B 241 13.17 -9.44 45.04
N GLN B 242 13.44 -8.89 43.85
CA GLN B 242 14.77 -8.38 43.54
C GLN B 242 14.76 -6.86 43.35
N ARG B 243 15.94 -6.29 43.24
CA ARG B 243 16.10 -4.83 43.27
C ARG B 243 15.81 -4.12 41.95
N LYS B 244 16.72 -4.25 40.99
CA LYS B 244 16.61 -3.52 39.73
C LYS B 244 15.74 -4.23 38.69
N SER B 245 15.16 -3.44 37.79
CA SER B 245 14.42 -3.94 36.65
C SER B 245 14.78 -3.14 35.41
N PRO B 246 15.23 -3.83 34.36
CA PRO B 246 15.68 -3.17 33.12
C PRO B 246 14.55 -2.40 32.43
N ILE B 247 13.32 -2.87 32.59
CA ILE B 247 12.16 -2.19 31.99
C ILE B 247 11.40 -1.38 33.03
N GLY B 248 11.86 -1.43 34.28
CA GLY B 248 11.20 -0.73 35.37
C GLY B 248 10.13 -1.59 36.00
N TRP B 249 9.59 -1.13 37.12
CA TRP B 249 8.55 -1.87 37.82
C TRP B 249 7.15 -1.36 37.48
N GLU B 250 7.10 -0.20 36.83
CA GLU B 250 5.83 0.35 36.34
C GLU B 250 5.13 -0.56 35.32
N PRO B 251 5.89 -1.18 34.39
CA PRO B 251 5.24 -2.20 33.55
C PRO B 251 4.67 -3.35 34.36
N PHE B 252 5.37 -3.75 35.41
CA PHE B 252 4.89 -4.83 36.29
C PHE B 252 3.59 -4.44 36.97
N PHE B 253 3.45 -3.16 37.30
CA PHE B 253 2.24 -2.67 37.94
C PHE B 253 1.04 -2.77 36.99
N ASN B 254 1.19 -2.21 35.80
CA ASN B 254 0.12 -2.17 34.81
C ASN B 254 -0.28 -3.56 34.33
N GLN B 255 0.71 -4.40 34.05
CA GLN B 255 0.48 -5.72 33.48
C GLN B 255 -0.27 -6.64 34.45
N VAL B 256 0.04 -6.51 35.73
CA VAL B 256 -0.58 -7.35 36.76
C VAL B 256 -1.98 -6.85 37.12
N LEU B 257 -2.15 -5.53 37.13
CA LEU B 257 -3.44 -4.92 37.48
C LEU B 257 -4.56 -5.43 36.57
N GLN B 258 -4.38 -5.30 35.26
CA GLN B 258 -5.37 -5.79 34.31
C GLN B 258 -5.35 -7.31 34.22
N ALA B 259 -6.53 -7.91 34.20
CA ALA B 259 -6.69 -9.37 34.11
C ALA B 259 -5.96 -10.12 35.23
N GLY B 260 -5.75 -9.45 36.36
CA GLY B 260 -5.03 -10.05 37.46
C GLY B 260 -5.29 -9.38 38.80
N ASN B 261 -4.33 -9.52 39.71
CA ASN B 261 -4.49 -9.00 41.07
C ASN B 261 -4.14 -7.52 41.18
N PRO B 262 -5.08 -6.73 41.73
CA PRO B 262 -4.74 -5.35 42.13
C PRO B 262 -3.86 -5.40 43.37
N ARG B 263 -3.93 -6.51 44.09
CA ARG B 263 -3.14 -6.70 45.30
C ARG B 263 -1.67 -6.93 44.98
N LEU B 264 -1.40 -7.84 44.05
CA LEU B 264 -0.03 -8.11 43.63
C LEU B 264 0.53 -6.94 42.84
N ALA B 265 -0.34 -6.23 42.13
CA ALA B 265 0.07 -5.05 41.38
C ALA B 265 0.56 -3.96 42.33
N ALA B 266 -0.10 -3.84 43.48
CA ALA B 266 0.23 -2.81 44.46
C ALA B 266 1.53 -3.12 45.21
N THR B 267 2.14 -4.27 44.91
CA THR B 267 3.41 -4.63 45.51
C THR B 267 4.54 -3.83 44.87
N PHE B 268 4.43 -3.61 43.56
CA PHE B 268 5.48 -2.94 42.80
C PHE B 268 5.57 -1.45 43.09
N ILE B 269 4.56 -0.92 43.78
CA ILE B 269 4.60 0.45 44.28
C ILE B 269 4.90 0.40 45.78
N PRO B 270 5.89 1.18 46.24
CA PRO B 270 6.72 2.12 45.48
C PRO B 270 8.11 1.60 45.17
N LYS B 271 8.23 0.71 44.20
CA LYS B 271 9.53 0.28 43.71
C LYS B 271 9.81 0.96 42.38
N CYS B 272 8.82 1.73 41.90
CA CYS B 272 8.81 2.22 40.53
C CYS B 272 9.69 3.45 40.24
N THR B 273 10.79 3.60 40.98
CA THR B 273 11.83 4.62 40.75
C THR B 273 11.41 5.87 39.97
N ASN B 274 11.53 5.79 38.65
CA ASN B 274 11.12 6.88 37.77
C ASN B 274 9.60 6.95 37.69
N LEU B 275 9.01 7.96 38.33
CA LEU B 275 7.56 8.01 38.44
C LEU B 275 6.89 9.28 37.90
N GLU B 276 5.89 9.76 38.63
CA GLU B 276 4.94 10.73 38.10
C GLU B 276 5.45 12.19 37.95
N PRO B 277 5.94 12.82 39.03
CA PRO B 277 6.03 12.43 40.44
C PRO B 277 4.82 12.95 41.22
N GLY B 278 3.82 13.44 40.49
CA GLY B 278 2.60 13.93 41.10
C GLY B 278 1.41 13.06 40.73
N GLN B 279 1.10 12.09 41.59
CA GLN B 279 1.82 11.91 42.85
C GLN B 279 2.21 10.44 43.04
N THR B 280 1.21 9.62 43.33
CA THR B 280 1.38 8.20 43.58
C THR B 280 -0.02 7.64 43.75
N ILE B 281 -0.92 8.55 44.11
CA ILE B 281 -2.32 8.25 44.41
C ILE B 281 -2.99 7.35 43.37
N THR B 282 -2.86 7.73 42.09
CA THR B 282 -3.50 7.01 40.98
C THR B 282 -3.28 5.51 41.05
N MSE B 283 -2.08 5.10 41.44
CA MSE B 283 -1.75 3.69 41.56
C MSE B 283 -2.44 3.03 42.75
O MSE B 283 -3.04 1.96 42.62
CB MSE B 283 -0.23 3.52 41.65
CG MSE B 283 0.46 3.96 40.38
SE MSE B 283 2.36 4.31 40.57
CE MSE B 283 2.68 5.04 38.78
N TYR B 284 -2.37 3.67 43.91
CA TYR B 284 -3.05 3.18 45.09
C TYR B 284 -4.57 3.29 44.95
N GLU B 285 -5.02 4.23 44.13
CA GLU B 285 -6.45 4.44 43.92
C GLU B 285 -7.09 3.31 43.12
N LYS B 286 -6.53 3.01 41.96
CA LYS B 286 -7.12 2.01 41.07
C LYS B 286 -6.93 0.57 41.59
N CYS B 287 -6.08 0.43 42.61
CA CYS B 287 -5.87 -0.88 43.23
C CYS B 287 -6.94 -1.22 44.25
N GLY B 288 -8.09 -0.57 44.13
CA GLY B 288 -9.21 -0.82 45.03
C GLY B 288 -9.10 -0.09 46.36
N MSE B 289 -7.87 0.08 46.82
CA MSE B 289 -7.59 0.73 48.10
C MSE B 289 -7.91 2.22 48.04
O MSE B 289 -7.03 3.04 47.77
CB MSE B 289 -6.13 0.51 48.48
CG MSE B 289 -5.70 -0.95 48.41
SE MSE B 289 -3.83 -1.17 47.88
CE MSE B 289 -2.96 -0.39 49.44
N ARG B 290 -9.16 2.56 48.30
CA ARG B 290 -9.60 3.96 48.29
C ARG B 290 -9.10 4.70 49.53
S SO4 C . 23.74 -6.72 -4.03
O1 SO4 C . 24.26 -5.39 -4.34
O2 SO4 C . 24.41 -7.23 -2.83
O3 SO4 C . 22.30 -6.64 -3.79
O4 SO4 C . 24.00 -7.62 -5.15
#